data_7JUJ
#
_entry.id   7JUJ
#
_cell.length_a   139.850
_cell.length_b   139.850
_cell.length_c   163.150
_cell.angle_alpha   90.000
_cell.angle_beta   90.000
_cell.angle_gamma   90.000
#
_symmetry.space_group_name_H-M   'P 43 21 2'
#
loop_
_entity.id
_entity.type
_entity.pdbx_description
1 polymer Cruzipain
2 non-polymer 'gallinamide A, bound form'
3 non-polymer 'POTASSIUM ION'
4 water water
#
_entity_poly.entity_id   1
_entity_poly.type   'polypeptide(L)'
_entity_poly.pdbx_seq_one_letter_code
;APAAVDWRARGAVTAVKDQGQCGSCWAFSAIGNVECQWFLAGHPLTNLSEQMLVSCDKTDSGCSGGLMNNAFEWIVQENN
GAVYTEDSYPYASGEGISPPCTTSGHTVGATITGHVELPQDEAQIAAWLAVNGPVAVAVDASSWMTYTGGVMTSCVSEQL
DHGVLLVGYNDSAAVPYWIIKNSWTTQWGEEGYIRIAKGSNQCLVKEEASSAVVG
;
_entity_poly.pdbx_strand_id   A,B,C,D,E,F
#
# COMPACT_ATOMS: atom_id res chain seq x y z
N ALA A 1 -36.93 4.61 -6.77
CA ALA A 1 -36.74 4.39 -5.31
C ALA A 1 -38.07 3.99 -4.62
N PRO A 2 -37.99 3.22 -3.54
CA PRO A 2 -39.19 3.01 -2.75
C PRO A 2 -39.61 4.25 -1.94
N ALA A 3 -40.88 4.31 -1.58
CA ALA A 3 -41.41 5.38 -0.74
C ALA A 3 -40.75 5.44 0.63
N ALA A 4 -40.31 4.34 1.21
CA ALA A 4 -39.64 4.47 2.49
C ALA A 4 -38.69 3.32 2.77
N VAL A 5 -37.55 3.65 3.36
CA VAL A 5 -36.60 2.65 3.79
C VAL A 5 -36.09 2.96 5.20
N ASP A 6 -35.75 1.92 5.92
CA ASP A 6 -35.22 2.03 7.27
C ASP A 6 -34.40 0.78 7.58
N TRP A 7 -33.12 0.93 7.36
CA TRP A 7 -32.21 -0.18 7.59
C TRP A 7 -32.18 -0.69 9.02
N ARG A 8 -32.61 0.09 10.00
CA ARG A 8 -32.64 -0.44 11.34
C ARG A 8 -33.58 -1.61 11.39
N ALA A 9 -34.70 -1.53 10.70
CA ALA A 9 -35.67 -2.61 10.71
C ALA A 9 -35.14 -3.90 10.09
N ARG A 10 -34.05 -3.81 9.32
CA ARG A 10 -33.41 -4.98 8.78
C ARG A 10 -32.23 -5.46 9.64
N GLY A 11 -32.17 -5.07 10.90
CA GLY A 11 -31.05 -5.47 11.74
C GLY A 11 -29.69 -5.04 11.16
N ALA A 12 -29.61 -4.00 10.35
CA ALA A 12 -28.31 -3.64 9.72
C ALA A 12 -27.59 -2.56 10.47
N VAL A 13 -28.08 -2.13 11.64
CA VAL A 13 -27.44 -1.03 12.33
C VAL A 13 -27.17 -1.35 13.77
N THR A 14 -25.96 -1.03 14.24
CA THR A 14 -25.57 -1.29 15.61
C THR A 14 -26.16 -0.27 16.59
N ALA A 15 -26.08 -0.60 17.87
CA ALA A 15 -26.55 0.29 18.93
C ALA A 15 -25.90 1.65 18.82
N VAL A 16 -26.60 2.64 19.37
CA VAL A 16 -26.16 4.00 19.35
C VAL A 16 -24.99 4.11 20.31
N LYS A 17 -23.95 4.81 19.89
CA LYS A 17 -22.71 4.86 20.62
C LYS A 17 -22.53 6.22 21.21
N ASP A 18 -21.36 6.49 21.75
CA ASP A 18 -21.18 7.69 22.47
C ASP A 18 -19.76 8.20 22.34
N GLN A 19 -19.59 9.29 21.58
CA GLN A 19 -18.22 9.80 21.30
C GLN A 19 -17.56 10.43 22.52
N GLY A 20 -18.32 10.73 23.57
CA GLY A 20 -17.77 11.35 24.79
C GLY A 20 -17.37 12.80 24.54
N GLN A 21 -16.24 13.24 25.13
CA GLN A 21 -15.69 14.59 24.92
C GLN A 21 -14.66 14.63 23.80
N CYS A 22 -14.88 13.89 22.75
CA CYS A 22 -13.89 13.78 21.71
C CYS A 22 -14.54 14.24 20.41
N GLY A 23 -13.85 15.04 19.63
CA GLY A 23 -14.46 15.49 18.39
C GLY A 23 -14.28 14.47 17.30
N SER A 24 -14.61 13.22 17.58
CA SER A 24 -14.31 12.12 16.66
C SER A 24 -15.54 11.70 15.88
N CYS A 25 -16.51 12.59 15.74
CA CYS A 25 -17.74 12.30 14.99
C CYS A 25 -17.43 11.62 13.67
N TRP A 26 -16.42 12.15 12.96
CA TRP A 26 -16.03 11.62 11.65
C TRP A 26 -15.74 10.13 11.69
N ALA A 27 -15.15 9.71 12.80
CA ALA A 27 -14.84 8.31 13.03
C ALA A 27 -16.08 7.46 13.16
N PHE A 28 -17.02 7.93 13.99
CA PHE A 28 -18.24 7.22 14.27
C PHE A 28 -19.12 7.16 13.03
N SER A 29 -19.15 8.22 12.24
CA SER A 29 -19.81 8.21 10.94
C SER A 29 -19.24 7.12 10.08
N ALA A 30 -17.93 7.11 9.91
CA ALA A 30 -17.28 6.25 8.91
C ALA A 30 -17.41 4.80 9.32
N ILE A 31 -17.16 4.56 10.60
CA ILE A 31 -17.17 3.23 11.13
C ILE A 31 -18.59 2.67 11.07
N GLY A 32 -19.58 3.42 11.53
CA GLY A 32 -20.98 3.00 11.41
C GLY A 32 -21.30 2.65 9.95
N ASN A 33 -20.82 3.43 9.00
CA ASN A 33 -21.11 3.10 7.61
C ASN A 33 -20.55 1.70 7.28
N VAL A 34 -19.34 1.41 7.77
CA VAL A 34 -18.73 0.11 7.47
C VAL A 34 -19.42 -1.05 8.18
N GLU A 35 -19.77 -0.85 9.44
CA GLU A 35 -20.52 -1.82 10.18
C GLU A 35 -21.73 -2.27 9.38
N CYS A 36 -22.48 -1.31 8.83
CA CYS A 36 -23.70 -1.66 8.06
C CYS A 36 -23.36 -2.39 6.76
N GLN A 37 -22.29 -1.96 6.16
CA GLN A 37 -21.89 -2.51 4.90
C GLN A 37 -21.48 -3.94 4.99
N TRP A 38 -20.90 -4.29 6.13
CA TRP A 38 -20.32 -5.60 6.34
C TRP A 38 -21.49 -6.54 6.52
N PHE A 39 -22.41 -6.18 7.39
CA PHE A 39 -23.63 -6.95 7.54
C PHE A 39 -24.36 -7.18 6.21
N LEU A 40 -24.50 -6.14 5.43
CA LEU A 40 -25.25 -6.25 4.16
C LEU A 40 -24.49 -7.01 3.13
N ALA A 41 -23.19 -7.18 3.34
CA ALA A 41 -22.39 -8.11 2.53
C ALA A 41 -22.64 -9.56 2.92
N GLY A 42 -23.40 -9.77 4.00
CA GLY A 42 -23.76 -11.10 4.41
C GLY A 42 -23.06 -11.62 5.64
N HIS A 43 -22.24 -10.80 6.29
CA HIS A 43 -21.56 -11.20 7.51
C HIS A 43 -22.33 -10.73 8.71
N PRO A 44 -21.96 -11.17 9.91
CA PRO A 44 -22.80 -10.73 11.00
C PRO A 44 -22.46 -9.33 11.52
N LEU A 45 -23.52 -8.63 11.94
CA LEU A 45 -23.42 -7.31 12.54
C LEU A 45 -22.45 -7.35 13.72
N THR A 46 -21.49 -6.44 13.73
CA THR A 46 -20.33 -6.48 14.59
C THR A 46 -19.89 -5.04 14.88
N ASN A 47 -19.62 -4.71 16.13
CA ASN A 47 -19.11 -3.41 16.46
C ASN A 47 -17.63 -3.26 16.02
N LEU A 48 -17.37 -2.31 15.12
CA LEU A 48 -16.04 -2.05 14.66
C LEU A 48 -15.47 -0.89 15.44
N SER A 49 -14.17 -0.63 15.25
CA SER A 49 -13.41 0.28 16.17
C SER A 49 -13.18 1.71 15.65
N GLU A 50 -13.83 2.66 16.29
CA GLU A 50 -13.56 4.06 16.00
C GLU A 50 -12.19 4.41 16.55
N GLN A 51 -11.77 3.73 17.62
CA GLN A 51 -10.50 4.09 18.27
C GLN A 51 -9.31 3.83 17.38
N MET A 52 -9.50 2.96 16.40
CA MET A 52 -8.46 2.62 15.44
C MET A 52 -8.18 3.84 14.61
N LEU A 53 -9.24 4.43 14.08
CA LEU A 53 -9.14 5.69 13.33
C LEU A 53 -8.62 6.83 14.16
N VAL A 54 -9.29 7.08 15.28
CA VAL A 54 -8.86 8.17 16.17
C VAL A 54 -7.39 8.07 16.49
N SER A 55 -6.86 6.88 16.72
CA SER A 55 -5.46 6.74 17.17
C SER A 55 -4.47 6.59 16.04
N CYS A 56 -4.83 5.87 14.97
CA CYS A 56 -3.86 5.43 13.95
C CYS A 56 -3.93 6.12 12.58
N ASP A 57 -5.08 6.66 12.23
CA ASP A 57 -5.22 7.49 11.02
C ASP A 57 -4.66 8.90 11.19
N LYS A 58 -3.55 9.14 10.52
CA LYS A 58 -2.72 10.29 10.82
C LYS A 58 -2.97 11.42 9.87
N THR A 59 -3.78 11.13 8.85
CA THR A 59 -4.11 12.13 7.87
C THR A 59 -5.28 12.96 8.41
N ASP A 60 -6.20 12.31 9.15
CA ASP A 60 -7.15 13.02 10.00
C ASP A 60 -6.52 13.43 11.35
N SER A 61 -7.30 14.04 12.26
CA SER A 61 -6.75 14.73 13.46
C SER A 61 -7.34 14.27 14.80
N GLY A 62 -7.63 12.98 14.89
CA GLY A 62 -8.13 12.43 16.11
C GLY A 62 -9.30 13.19 16.68
N CYS A 63 -9.15 13.64 17.93
CA CYS A 63 -10.28 14.23 18.65
C CYS A 63 -10.49 15.67 18.28
N SER A 64 -9.53 16.24 17.54
CA SER A 64 -9.66 17.60 17.04
C SER A 64 -10.38 17.65 15.69
N GLY A 65 -10.64 16.50 15.09
CA GLY A 65 -11.60 16.40 13.97
C GLY A 65 -11.05 15.62 12.78
N GLY A 66 -11.92 15.41 11.79
CA GLY A 66 -11.53 14.68 10.59
C GLY A 66 -12.63 14.61 9.54
N LEU A 67 -12.48 13.68 8.59
CA LEU A 67 -13.41 13.51 7.47
C LEU A 67 -13.57 12.05 7.13
N MET A 68 -14.83 11.58 7.02
CA MET A 68 -15.13 10.19 6.60
C MET A 68 -14.37 9.70 5.32
N ASN A 69 -14.27 10.53 4.28
CA ASN A 69 -13.54 10.17 3.05
C ASN A 69 -12.11 9.81 3.29
N ASN A 70 -11.43 10.65 4.07
CA ASN A 70 -10.05 10.44 4.42
C ASN A 70 -9.89 9.13 5.12
N ALA A 71 -10.88 8.81 5.97
CA ALA A 71 -10.81 7.66 6.82
C ALA A 71 -10.92 6.40 5.97
N PHE A 72 -11.91 6.35 5.08
CA PHE A 72 -11.98 5.27 4.11
C PHE A 72 -10.67 5.18 3.31
N GLU A 73 -10.06 6.31 2.97
CA GLU A 73 -8.82 6.28 2.18
C GLU A 73 -7.67 5.67 2.98
N TRP A 74 -7.60 6.06 4.25
CA TRP A 74 -6.51 5.67 5.11
C TRP A 74 -6.65 4.17 5.40
N ILE A 75 -7.87 3.73 5.65
CA ILE A 75 -8.08 2.32 5.87
C ILE A 75 -7.59 1.48 4.69
N VAL A 76 -7.96 1.89 3.49
CA VAL A 76 -7.56 1.12 2.31
C VAL A 76 -6.09 1.32 1.92
N GLN A 77 -5.60 2.56 1.87
CA GLN A 77 -4.19 2.82 1.42
C GLN A 77 -3.14 2.62 2.48
N GLU A 78 -3.53 2.61 3.75
CA GLU A 78 -2.56 2.43 4.85
C GLU A 78 -2.85 1.28 5.76
N ASN A 79 -4.06 0.75 5.82
CA ASN A 79 -4.34 -0.32 6.79
C ASN A 79 -4.86 -1.61 6.11
N ASN A 80 -4.45 -1.78 4.87
CA ASN A 80 -4.81 -2.91 4.03
C ASN A 80 -6.29 -3.32 4.05
N GLY A 81 -7.16 -2.38 4.33
CA GLY A 81 -8.60 -2.57 4.31
C GLY A 81 -9.15 -2.95 5.66
N ALA A 82 -8.28 -3.12 6.64
CA ALA A 82 -8.68 -3.68 7.89
C ALA A 82 -9.38 -2.68 8.77
N VAL A 83 -10.58 -3.03 9.19
CA VAL A 83 -11.23 -2.32 10.27
C VAL A 83 -11.32 -3.28 11.46
N TYR A 84 -10.58 -2.98 12.52
CA TYR A 84 -10.58 -3.84 13.68
C TYR A 84 -11.92 -3.85 14.37
N THR A 85 -12.16 -4.91 15.14
CA THR A 85 -13.39 -4.99 15.92
C THR A 85 -13.20 -4.11 17.12
N GLU A 86 -14.32 -3.67 17.66
CA GLU A 86 -14.36 -2.83 18.83
C GLU A 86 -13.82 -3.56 20.01
N ASP A 87 -14.27 -4.81 20.18
CA ASP A 87 -13.80 -5.66 21.28
CA ASP A 87 -13.79 -5.67 21.27
C ASP A 87 -12.28 -5.70 21.34
N SER A 88 -11.65 -5.72 20.17
CA SER A 88 -10.21 -5.81 20.02
C SER A 88 -9.47 -4.47 20.17
N TYR A 89 -10.04 -3.36 19.67
CA TYR A 89 -9.54 -1.99 19.89
C TYR A 89 -10.70 -1.16 20.50
N PRO A 90 -10.96 -1.32 21.82
CA PRO A 90 -12.08 -0.61 22.45
C PRO A 90 -11.94 0.90 22.38
N TYR A 91 -13.02 1.64 22.63
CA TYR A 91 -12.97 3.10 22.61
C TYR A 91 -12.41 3.60 23.92
N ALA A 92 -11.34 4.39 23.87
CA ALA A 92 -10.76 4.97 25.07
C ALA A 92 -10.72 6.51 25.10
N SER A 93 -11.29 7.18 24.12
CA SER A 93 -11.14 8.62 23.97
C SER A 93 -12.31 9.43 24.57
N GLY A 94 -13.27 8.74 25.16
CA GLY A 94 -14.45 9.36 25.75
C GLY A 94 -14.16 10.39 26.82
N GLU A 95 -12.97 10.33 27.42
CA GLU A 95 -12.54 11.37 28.36
C GLU A 95 -12.07 12.64 27.61
N GLY A 96 -11.57 12.48 26.39
CA GLY A 96 -11.22 13.61 25.53
C GLY A 96 -9.85 13.53 24.88
N ILE A 97 -8.88 12.92 25.55
CA ILE A 97 -7.54 12.75 25.01
C ILE A 97 -7.47 11.35 24.44
N SER A 98 -6.82 11.23 23.28
CA SER A 98 -6.70 9.98 22.52
C SER A 98 -5.37 9.26 22.71
N PRO A 99 -5.38 7.98 23.12
CA PRO A 99 -4.14 7.26 23.32
C PRO A 99 -3.31 7.06 22.06
N PRO A 100 -2.01 6.82 22.21
CA PRO A 100 -1.19 6.38 21.08
C PRO A 100 -1.65 5.06 20.48
N CYS A 101 -1.01 4.67 19.38
CA CYS A 101 -1.46 3.58 18.51
C CYS A 101 -0.41 2.49 18.45
N THR A 102 -0.78 1.25 18.80
CA THR A 102 0.16 0.08 18.80
C THR A 102 -0.57 -1.26 18.59
N THR A 103 -0.06 -2.07 17.66
CA THR A 103 -0.87 -3.04 16.90
C THR A 103 -0.27 -4.47 16.59
N SER A 104 0.04 -5.20 17.64
CA SER A 104 0.21 -6.60 17.42
C SER A 104 -1.19 -7.13 17.62
N GLY A 105 -1.71 -7.72 16.55
CA GLY A 105 -2.56 -8.86 16.70
C GLY A 105 -4.00 -8.56 16.88
N HIS A 106 -4.44 -7.40 16.47
CA HIS A 106 -5.82 -7.07 16.52
C HIS A 106 -6.62 -7.95 15.56
N THR A 107 -7.91 -7.99 15.84
CA THR A 107 -8.85 -8.82 15.11
C THR A 107 -9.55 -7.97 14.08
N VAL A 108 -9.42 -8.35 12.83
CA VAL A 108 -10.03 -7.63 11.75
C VAL A 108 -11.46 -8.04 11.80
N GLY A 109 -12.37 -7.11 11.98
CA GLY A 109 -13.79 -7.41 12.00
C GLY A 109 -14.40 -7.09 10.67
N ALA A 110 -13.63 -6.46 9.80
CA ALA A 110 -14.13 -6.18 8.41
C ALA A 110 -13.03 -5.77 7.46
N THR A 111 -13.26 -6.08 6.18
CA THR A 111 -12.32 -5.79 5.07
C THR A 111 -13.11 -5.01 4.01
N ILE A 112 -12.80 -3.73 3.85
CA ILE A 112 -13.30 -2.94 2.77
C ILE A 112 -12.18 -2.84 1.73
N THR A 113 -12.56 -2.66 0.47
CA THR A 113 -11.64 -2.49 -0.66
C THR A 113 -11.59 -1.08 -1.22
N GLY A 114 -12.48 -0.21 -0.76
CA GLY A 114 -12.57 1.13 -1.31
C GLY A 114 -13.69 1.94 -0.71
N HIS A 115 -14.01 3.06 -1.37
CA HIS A 115 -15.19 3.83 -1.01
C HIS A 115 -15.71 4.49 -2.27
N VAL A 116 -16.97 4.95 -2.17
CA VAL A 116 -17.59 5.70 -3.21
C VAL A 116 -18.07 7.04 -2.73
N GLU A 117 -18.35 7.89 -3.69
CA GLU A 117 -18.78 9.21 -3.41
C GLU A 117 -20.10 9.37 -4.12
N LEU A 118 -21.09 9.88 -3.40
CA LEU A 118 -22.42 10.08 -3.95
C LEU A 118 -22.57 11.50 -4.43
N PRO A 119 -23.43 11.75 -5.44
CA PRO A 119 -23.71 13.12 -5.89
C PRO A 119 -24.39 13.99 -4.83
N GLN A 120 -24.37 15.30 -5.02
CA GLN A 120 -24.90 16.24 -4.03
C GLN A 120 -26.33 16.44 -4.42
N ASP A 121 -27.12 15.41 -4.24
CA ASP A 121 -28.46 15.40 -4.72
C ASP A 121 -29.21 14.39 -3.85
N GLU A 122 -30.19 14.87 -3.11
CA GLU A 122 -30.90 14.06 -2.17
C GLU A 122 -31.63 12.88 -2.84
N ALA A 123 -32.25 13.09 -3.98
CA ALA A 123 -32.91 11.97 -4.65
C ALA A 123 -31.92 10.90 -5.04
N GLN A 124 -30.71 11.32 -5.43
CA GLN A 124 -29.67 10.35 -5.80
C GLN A 124 -29.04 9.64 -4.64
N ILE A 125 -28.93 10.32 -3.53
CA ILE A 125 -28.43 9.68 -2.34
C ILE A 125 -29.49 8.67 -1.93
N ALA A 126 -30.75 9.03 -2.00
CA ALA A 126 -31.79 8.12 -1.50
C ALA A 126 -31.90 6.88 -2.35
N ALA A 127 -31.70 7.00 -3.67
CA ALA A 127 -31.79 5.85 -4.54
C ALA A 127 -30.66 4.88 -4.25
N TRP A 128 -29.50 5.42 -3.90
CA TRP A 128 -28.39 4.56 -3.58
C TRP A 128 -28.61 3.86 -2.28
N LEU A 129 -29.01 4.62 -1.27
CA LEU A 129 -29.25 4.05 0.06
C LEU A 129 -30.32 2.98 -0.01
N ALA A 130 -31.40 3.24 -0.74
CA ALA A 130 -32.44 2.22 -0.95
C ALA A 130 -31.87 0.89 -1.36
N VAL A 131 -30.83 0.89 -2.19
CA VAL A 131 -30.21 -0.37 -2.64
C VAL A 131 -29.06 -0.84 -1.71
N ASN A 132 -28.17 0.05 -1.28
CA ASN A 132 -26.95 -0.43 -0.67
C ASN A 132 -26.74 -0.09 0.78
N GLY A 133 -27.64 0.63 1.41
CA GLY A 133 -27.58 0.80 2.88
C GLY A 133 -27.00 2.10 3.42
N PRO A 134 -26.87 2.21 4.75
CA PRO A 134 -26.60 3.50 5.33
C PRO A 134 -25.41 4.28 4.72
N VAL A 135 -25.56 5.59 4.60
CA VAL A 135 -24.62 6.47 3.92
C VAL A 135 -24.00 7.39 4.95
N ALA A 136 -22.69 7.54 4.86
CA ALA A 136 -21.99 8.51 5.69
C ALA A 136 -22.25 9.90 5.13
N VAL A 137 -22.62 10.83 6.01
CA VAL A 137 -22.88 12.20 5.59
C VAL A 137 -22.44 13.21 6.61
N ALA A 138 -22.11 14.38 6.06
CA ALA A 138 -21.75 15.54 6.87
C ALA A 138 -22.94 16.42 7.02
N VAL A 139 -22.98 17.15 8.11
CA VAL A 139 -24.06 18.09 8.34
C VAL A 139 -23.59 19.31 9.10
N ASP A 140 -24.35 20.39 8.98
CA ASP A 140 -24.26 21.48 9.94
C ASP A 140 -25.08 21.06 11.12
N ALA A 141 -24.49 20.90 12.29
CA ALA A 141 -25.27 20.46 13.44
C ALA A 141 -25.29 21.48 14.56
N SER A 142 -25.09 22.76 14.25
CA SER A 142 -25.18 23.77 15.27
C SER A 142 -26.60 23.91 15.82
N SER A 143 -27.63 23.47 15.08
CA SER A 143 -28.99 23.63 15.64
C SER A 143 -29.46 22.42 16.47
N TRP A 144 -28.56 21.45 16.63
CA TRP A 144 -28.90 20.13 17.16
C TRP A 144 -28.88 20.01 18.69
N MET A 145 -28.05 20.76 19.39
CA MET A 145 -27.96 20.60 20.84
C MET A 145 -29.36 20.60 21.43
N THR A 146 -30.14 21.60 21.09
CA THR A 146 -31.50 21.79 21.59
C THR A 146 -32.56 20.78 21.09
N TYR A 147 -32.18 19.75 20.33
CA TYR A 147 -33.15 18.81 19.74
C TYR A 147 -33.60 17.74 20.71
N THR A 148 -34.91 17.48 20.71
CA THR A 148 -35.46 16.47 21.57
C THR A 148 -36.52 15.61 20.89
N GLY A 149 -36.61 15.68 19.57
CA GLY A 149 -37.62 14.92 18.85
C GLY A 149 -38.44 15.72 17.85
N GLY A 150 -39.12 15.01 16.97
CA GLY A 150 -39.88 15.60 15.89
C GLY A 150 -39.05 15.59 14.61
N VAL A 151 -39.65 16.13 13.53
CA VAL A 151 -38.92 16.35 12.27
C VAL A 151 -38.39 17.78 12.21
N MET A 152 -37.10 17.92 11.99
CA MET A 152 -36.52 19.24 11.87
C MET A 152 -36.84 19.80 10.52
N THR A 153 -37.39 21.03 10.53
CA THR A 153 -37.74 21.75 9.31
C THR A 153 -36.98 23.05 9.17
N SER A 154 -36.33 23.52 10.23
CA SER A 154 -35.62 24.81 10.23
C SER A 154 -34.18 24.65 10.64
N CYS A 155 -33.53 23.60 10.20
CA CYS A 155 -32.15 23.36 10.57
C CYS A 155 -31.30 24.51 10.08
N VAL A 156 -30.48 25.07 10.95
CA VAL A 156 -29.42 25.96 10.53
C VAL A 156 -28.54 25.20 9.56
N SER A 157 -28.36 25.71 8.36
CA SER A 157 -27.73 24.91 7.30
C SER A 157 -26.69 25.78 6.60
N GLU A 158 -25.73 26.27 7.36
CA GLU A 158 -24.77 27.31 6.90
C GLU A 158 -23.38 26.76 6.69
N GLN A 159 -22.95 25.84 7.53
CA GLN A 159 -21.60 25.32 7.53
C GLN A 159 -21.49 23.92 8.17
N LEU A 160 -20.89 22.98 7.43
CA LEU A 160 -20.67 21.61 7.90
C LEU A 160 -19.75 21.55 9.13
N ASP A 161 -20.08 20.71 10.09
CA ASP A 161 -19.23 20.59 11.29
C ASP A 161 -19.26 19.24 11.98
N HIS A 162 -19.98 18.28 11.42
CA HIS A 162 -20.32 17.05 12.11
C HIS A 162 -20.63 15.99 11.08
N GLY A 163 -20.32 14.74 11.42
CA GLY A 163 -20.54 13.57 10.58
C GLY A 163 -21.46 12.59 11.32
N VAL A 164 -22.39 12.01 10.58
CA VAL A 164 -23.43 11.16 11.08
C VAL A 164 -23.73 10.15 9.98
N LEU A 165 -24.79 9.35 10.17
CA LEU A 165 -25.11 8.26 9.29
C LEU A 165 -26.58 8.27 8.93
N LEU A 166 -26.84 8.32 7.64
CA LEU A 166 -28.18 8.26 7.15
C LEU A 166 -28.56 6.81 7.12
N VAL A 167 -29.62 6.43 7.80
CA VAL A 167 -30.04 5.02 7.78
C VAL A 167 -31.46 4.80 7.22
N GLY A 168 -32.16 5.84 6.82
CA GLY A 168 -33.44 5.64 6.16
C GLY A 168 -34.03 6.96 5.72
N TYR A 169 -35.19 6.87 5.07
CA TYR A 169 -35.98 8.02 4.74
C TYR A 169 -37.43 7.62 4.67
N ASN A 170 -38.28 8.62 4.60
CA ASN A 170 -39.69 8.37 4.49
C ASN A 170 -40.29 9.46 3.65
N ASP A 171 -40.58 9.15 2.39
CA ASP A 171 -41.24 10.06 1.46
C ASP A 171 -42.73 9.88 1.60
N SER A 172 -43.21 8.96 2.43
CA SER A 172 -44.69 8.74 2.56
C SER A 172 -45.36 9.86 3.35
N ALA A 173 -44.60 10.47 4.26
CA ALA A 173 -45.16 11.37 5.23
C ALA A 173 -45.65 12.68 4.61
N ALA A 174 -46.44 13.40 5.41
CA ALA A 174 -46.88 14.74 5.03
C ALA A 174 -45.67 15.67 4.88
N VAL A 175 -44.67 15.48 5.74
CA VAL A 175 -43.33 16.08 5.58
C VAL A 175 -42.24 15.01 5.48
N PRO A 176 -41.77 14.73 4.27
CA PRO A 176 -40.78 13.69 4.10
C PRO A 176 -39.52 13.93 4.87
N TYR A 177 -38.78 12.87 5.16
CA TYR A 177 -37.68 13.03 6.06
C TYR A 177 -36.66 11.96 5.97
N TRP A 178 -35.42 12.35 6.30
CA TRP A 178 -34.34 11.42 6.55
C TRP A 178 -34.32 10.95 7.99
N ILE A 179 -33.79 9.74 8.19
CA ILE A 179 -33.53 9.16 9.50
C ILE A 179 -32.04 9.03 9.66
N ILE A 180 -31.53 9.57 10.76
CA ILE A 180 -30.09 9.77 10.95
C ILE A 180 -29.66 9.31 12.32
N LYS A 181 -28.59 8.53 12.34
CA LYS A 181 -28.04 8.00 13.55
C LYS A 181 -26.99 8.98 14.05
N ASN A 182 -27.15 9.45 15.27
CA ASN A 182 -26.13 10.26 15.92
C ASN A 182 -25.26 9.40 16.90
N SER A 183 -24.24 10.01 17.50
CA SER A 183 -23.35 9.32 18.36
C SER A 183 -23.21 10.06 19.68
N TRP A 184 -24.32 10.47 20.25
CA TRP A 184 -24.32 11.22 21.49
C TRP A 184 -25.16 10.53 22.52
N THR A 185 -25.03 9.21 22.59
CA THR A 185 -25.86 8.33 23.41
C THR A 185 -27.32 8.39 23.03
N THR A 186 -28.08 7.45 23.56
CA THR A 186 -29.53 7.35 23.35
C THR A 186 -30.33 8.32 24.20
N GLN A 187 -29.65 9.04 25.08
CA GLN A 187 -30.25 10.14 25.82
C GLN A 187 -30.69 11.26 24.91
N TRP A 188 -29.92 11.46 23.84
CA TRP A 188 -30.11 12.60 22.96
C TRP A 188 -31.11 12.24 21.88
N GLY A 189 -32.08 13.11 21.66
CA GLY A 189 -33.01 12.97 20.53
C GLY A 189 -34.00 11.83 20.63
N GLU A 190 -34.30 11.19 19.50
CA GLU A 190 -35.24 10.11 19.42
C GLU A 190 -34.46 8.82 19.57
N GLU A 191 -34.28 8.44 20.82
CA GLU A 191 -33.35 7.41 21.24
C GLU A 191 -32.03 7.44 20.46
N GLY A 192 -31.45 8.62 20.35
CA GLY A 192 -30.13 8.78 19.74
C GLY A 192 -30.17 9.05 18.26
N TYR A 193 -31.39 9.09 17.69
CA TYR A 193 -31.61 9.45 16.28
C TYR A 193 -32.26 10.82 16.15
N ILE A 194 -32.19 11.29 14.91
CA ILE A 194 -32.84 12.52 14.53
C ILE A 194 -33.46 12.33 13.17
N ARG A 195 -34.67 12.85 13.03
CA ARG A 195 -35.25 13.04 11.71
C ARG A 195 -35.14 14.48 11.29
N ILE A 196 -34.74 14.68 10.04
CA ILE A 196 -34.72 15.99 9.44
C ILE A 196 -35.49 15.94 8.12
N ALA A 197 -36.07 17.06 7.73
CA ALA A 197 -36.89 17.10 6.52
C ALA A 197 -36.02 16.72 5.37
N LYS A 198 -36.69 16.11 4.38
CA LYS A 198 -36.05 15.62 3.19
C LYS A 198 -36.51 16.45 2.01
N GLY A 199 -35.57 16.90 1.20
CA GLY A 199 -35.86 17.62 -0.06
C GLY A 199 -35.52 19.12 -0.06
N SER A 200 -35.10 19.66 1.09
CA SER A 200 -34.76 21.06 1.22
C SER A 200 -33.30 21.24 1.62
N ASN A 201 -32.49 20.22 1.37
CA ASN A 201 -31.11 20.14 1.86
C ASN A 201 -30.90 20.61 3.28
N GLN A 202 -31.78 20.21 4.20
CA GLN A 202 -31.61 20.53 5.64
C GLN A 202 -30.21 20.20 6.18
N CYS A 203 -29.60 21.11 6.88
CA CYS A 203 -28.29 20.87 7.50
C CYS A 203 -27.19 20.52 6.49
N LEU A 204 -27.41 20.84 5.20
CA LEU A 204 -26.45 20.61 4.12
C LEU A 204 -26.16 19.14 3.93
N VAL A 205 -27.13 18.33 4.33
CA VAL A 205 -27.00 16.91 4.39
C VAL A 205 -26.56 16.27 3.10
N LYS A 206 -26.86 16.90 1.97
CA LYS A 206 -26.43 16.30 0.70
C LYS A 206 -25.07 16.72 0.27
N GLU A 207 -24.39 17.60 0.99
CA GLU A 207 -23.19 18.19 0.41
CA GLU A 207 -23.14 18.20 0.49
C GLU A 207 -22.00 17.22 0.37
N GLU A 208 -21.89 16.30 1.33
CA GLU A 208 -20.74 15.39 1.43
C GLU A 208 -21.12 13.97 1.87
N ALA A 209 -21.75 13.24 0.97
CA ALA A 209 -22.29 11.91 1.21
C ALA A 209 -21.36 10.86 0.62
N SER A 210 -21.01 9.82 1.40
CA SER A 210 -20.13 8.77 0.89
C SER A 210 -20.31 7.39 1.55
N SER A 211 -19.73 6.38 0.92
CA SER A 211 -19.82 5.04 1.52
C SER A 211 -18.64 4.14 1.22
N ALA A 212 -18.29 3.33 2.22
CA ALA A 212 -17.29 2.31 2.06
C ALA A 212 -17.77 1.24 1.14
N VAL A 213 -16.84 0.49 0.59
CA VAL A 213 -17.17 -0.57 -0.32
C VAL A 213 -16.51 -1.86 0.15
N VAL A 214 -17.36 -2.82 0.48
CA VAL A 214 -17.01 -4.23 0.70
C VAL A 214 -17.12 -4.93 -0.67
N GLY A 215 -15.98 -5.47 -1.11
CA GLY A 215 -15.69 -5.66 -2.55
C GLY A 215 -15.57 -7.07 -3.09
N ALA B 1 -48.92 2.75 -31.21
CA ALA B 1 -47.48 2.94 -31.51
C ALA B 1 -47.29 4.29 -32.21
N PRO B 2 -46.55 5.21 -31.57
CA PRO B 2 -46.25 6.50 -32.18
C PRO B 2 -45.59 6.35 -33.53
N ALA B 3 -45.97 7.24 -34.45
CA ALA B 3 -45.42 7.29 -35.81
C ALA B 3 -43.91 7.37 -35.79
N ALA B 4 -43.37 8.15 -34.87
CA ALA B 4 -41.94 8.40 -34.77
C ALA B 4 -41.60 8.82 -33.35
N VAL B 5 -40.34 8.67 -33.00
CA VAL B 5 -39.85 8.94 -31.67
C VAL B 5 -38.39 9.23 -31.85
N ASP B 6 -37.91 10.27 -31.22
CA ASP B 6 -36.46 10.54 -31.19
C ASP B 6 -36.06 11.01 -29.82
N TRP B 7 -35.39 10.18 -29.03
CA TRP B 7 -35.13 10.54 -27.63
C TRP B 7 -34.08 11.63 -27.50
N ARG B 8 -33.41 11.99 -28.59
CA ARG B 8 -32.45 13.09 -28.52
C ARG B 8 -33.17 14.41 -28.35
N ALA B 9 -34.34 14.51 -28.96
CA ALA B 9 -35.11 15.74 -28.85
C ALA B 9 -35.58 16.00 -27.42
N ARG B 10 -35.58 14.97 -26.59
CA ARG B 10 -36.08 15.09 -25.22
C ARG B 10 -34.99 15.30 -24.19
N GLY B 11 -33.75 15.52 -24.65
CA GLY B 11 -32.61 15.80 -23.75
C GLY B 11 -32.15 14.55 -23.02
N ALA B 12 -32.35 13.39 -23.64
CA ALA B 12 -32.18 12.09 -22.99
C ALA B 12 -30.90 11.34 -23.36
N VAL B 13 -30.14 11.87 -24.30
CA VAL B 13 -28.98 11.24 -24.89
C VAL B 13 -27.74 12.14 -24.79
N THR B 14 -26.63 11.62 -24.28
CA THR B 14 -25.40 12.42 -24.14
C THR B 14 -24.75 12.56 -25.50
N ALA B 15 -23.75 13.41 -25.57
CA ALA B 15 -23.02 13.59 -26.82
C ALA B 15 -22.38 12.26 -27.26
N VAL B 16 -22.23 12.13 -28.57
CA VAL B 16 -21.53 10.98 -29.19
C VAL B 16 -20.10 10.84 -28.69
N LYS B 17 -19.66 9.61 -28.42
CA LYS B 17 -18.33 9.43 -27.86
C LYS B 17 -17.36 8.72 -28.83
N ASP B 18 -16.13 8.46 -28.32
CA ASP B 18 -15.01 7.96 -29.12
C ASP B 18 -14.39 6.73 -28.46
N GLN B 19 -14.66 5.54 -29.00
CA GLN B 19 -14.11 4.32 -28.35
C GLN B 19 -12.62 4.14 -28.59
N GLY B 20 -12.04 4.87 -29.53
CA GLY B 20 -10.62 4.79 -29.77
C GLY B 20 -10.26 3.44 -30.34
N GLN B 21 -9.02 3.02 -30.13
CA GLN B 21 -8.55 1.77 -30.69
C GLN B 21 -8.77 0.69 -29.65
N CYS B 22 -10.03 0.36 -29.43
CA CYS B 22 -10.38 -0.56 -28.37
C CYS B 22 -11.71 -1.17 -28.77
N GLY B 23 -11.92 -2.45 -28.39
CA GLY B 23 -13.11 -3.19 -28.78
C GLY B 23 -14.17 -3.08 -27.71
N SER B 24 -14.40 -1.86 -27.22
CA SER B 24 -15.25 -1.65 -26.04
C SER B 24 -16.63 -1.19 -26.43
N CYS B 25 -17.02 -1.38 -27.68
CA CYS B 25 -18.36 -1.06 -28.13
C CYS B 25 -19.45 -1.60 -27.23
N TRP B 26 -19.23 -2.78 -26.68
CA TRP B 26 -20.18 -3.38 -25.76
C TRP B 26 -20.43 -2.45 -24.59
N ALA B 27 -19.37 -1.80 -24.08
CA ALA B 27 -19.49 -0.93 -22.92
C ALA B 27 -20.10 0.42 -23.29
N PHE B 28 -19.87 0.88 -24.52
CA PHE B 28 -20.49 2.15 -24.96
C PHE B 28 -22.00 1.96 -25.15
N SER B 29 -22.38 0.83 -25.70
CA SER B 29 -23.77 0.45 -25.71
C SER B 29 -24.37 0.43 -24.27
N ALA B 30 -23.84 -0.40 -23.36
CA ALA B 30 -24.47 -0.54 -22.04
C ALA B 30 -24.51 0.78 -21.31
N ILE B 31 -23.40 1.51 -21.31
CA ILE B 31 -23.34 2.78 -20.61
C ILE B 31 -24.29 3.84 -21.22
N GLY B 32 -24.42 3.92 -22.53
CA GLY B 32 -25.39 4.90 -23.09
C GLY B 32 -26.83 4.56 -22.72
N ASN B 33 -27.17 3.28 -22.85
CA ASN B 33 -28.47 2.86 -22.39
C ASN B 33 -28.71 3.36 -20.96
N VAL B 34 -27.68 3.29 -20.13
CA VAL B 34 -27.86 3.60 -18.70
C VAL B 34 -28.01 5.08 -18.55
N GLU B 35 -27.12 5.83 -19.17
CA GLU B 35 -27.24 7.29 -19.23
C GLU B 35 -28.68 7.73 -19.54
N CYS B 36 -29.23 7.18 -20.60
CA CYS B 36 -30.56 7.51 -21.02
C CYS B 36 -31.62 7.18 -19.96
N GLN B 37 -31.60 5.96 -19.46
CA GLN B 37 -32.59 5.45 -18.51
C GLN B 37 -32.57 6.17 -17.17
N TRP B 38 -31.39 6.63 -16.79
CA TRP B 38 -31.24 7.36 -15.54
C TRP B 38 -31.88 8.77 -15.69
N PHE B 39 -31.61 9.45 -16.80
CA PHE B 39 -32.30 10.69 -17.09
C PHE B 39 -33.81 10.48 -17.02
N LEU B 40 -34.31 9.48 -17.70
CA LEU B 40 -35.75 9.19 -17.71
C LEU B 40 -36.33 8.80 -16.36
N ALA B 41 -35.48 8.49 -15.38
CA ALA B 41 -35.97 8.22 -14.02
C ALA B 41 -36.12 9.53 -13.27
N GLY B 42 -35.82 10.64 -13.96
CA GLY B 42 -36.07 11.95 -13.45
C GLY B 42 -34.82 12.64 -12.95
N HIS B 43 -33.65 12.17 -13.37
CA HIS B 43 -32.37 12.72 -12.92
C HIS B 43 -31.59 13.47 -13.97
N PRO B 44 -30.69 14.34 -13.57
CA PRO B 44 -30.06 15.02 -14.69
C PRO B 44 -29.16 14.12 -15.56
N LEU B 45 -29.19 14.39 -16.85
CA LEU B 45 -28.37 13.74 -17.85
C LEU B 45 -26.91 13.86 -17.53
N THR B 46 -26.30 12.73 -17.26
CA THR B 46 -24.94 12.66 -16.81
C THR B 46 -24.16 11.70 -17.64
N ASN B 47 -22.96 12.10 -18.04
CA ASN B 47 -22.05 11.17 -18.73
C ASN B 47 -21.53 10.15 -17.75
N LEU B 48 -21.68 8.88 -18.11
CA LEU B 48 -21.29 7.80 -17.27
C LEU B 48 -20.11 7.05 -17.84
N SER B 49 -19.54 6.18 -17.01
CA SER B 49 -18.18 5.64 -17.25
C SER B 49 -18.09 4.31 -17.97
N GLU B 50 -17.49 4.33 -19.14
CA GLU B 50 -17.21 3.13 -19.89
C GLU B 50 -15.91 2.48 -19.36
N GLN B 51 -14.95 3.27 -18.91
CA GLN B 51 -13.74 2.71 -18.35
C GLN B 51 -14.02 1.77 -17.17
N MET B 52 -15.02 2.11 -16.37
CA MET B 52 -15.38 1.28 -15.27
C MET B 52 -15.68 -0.13 -15.79
N LEU B 53 -16.47 -0.27 -16.85
CA LEU B 53 -16.80 -1.60 -17.38
C LEU B 53 -15.58 -2.28 -18.02
N VAL B 54 -14.78 -1.50 -18.71
CA VAL B 54 -13.63 -2.08 -19.43
C VAL B 54 -12.66 -2.69 -18.44
N SER B 55 -12.44 -1.96 -17.35
CA SER B 55 -11.46 -2.35 -16.35
C SER B 55 -11.99 -3.32 -15.28
N CYS B 56 -13.26 -3.18 -14.90
CA CYS B 56 -13.81 -3.92 -13.75
C CYS B 56 -14.74 -5.11 -14.07
N ASP B 57 -15.42 -5.05 -15.21
CA ASP B 57 -16.28 -6.12 -15.64
C ASP B 57 -15.38 -7.27 -16.14
N LYS B 58 -15.00 -8.13 -15.20
CA LYS B 58 -14.15 -9.28 -15.51
C LYS B 58 -14.95 -10.49 -15.99
N THR B 59 -16.27 -10.41 -16.14
CA THR B 59 -16.95 -11.45 -16.96
C THR B 59 -16.90 -11.13 -18.49
N ASP B 60 -16.77 -9.87 -18.87
CA ASP B 60 -16.43 -9.48 -20.25
C ASP B 60 -14.91 -9.38 -20.40
N SER B 61 -14.43 -9.06 -21.59
CA SER B 61 -13.00 -9.15 -21.88
C SER B 61 -12.39 -7.82 -22.33
N GLY B 62 -12.65 -6.76 -21.54
CA GLY B 62 -12.19 -5.39 -21.84
C GLY B 62 -12.13 -5.00 -23.30
N CYS B 63 -10.92 -4.76 -23.79
CA CYS B 63 -10.71 -4.23 -25.14
C CYS B 63 -10.81 -5.30 -26.20
N SER B 64 -10.75 -6.58 -25.81
CA SER B 64 -11.00 -7.67 -26.76
C SER B 64 -12.50 -7.81 -27.09
N GLY B 65 -13.40 -7.43 -26.19
CA GLY B 65 -14.82 -7.55 -26.45
C GLY B 65 -15.65 -7.89 -25.24
N GLY B 66 -16.97 -7.93 -25.44
CA GLY B 66 -17.92 -8.21 -24.39
C GLY B 66 -19.37 -8.21 -24.85
N LEU B 67 -20.29 -8.20 -23.88
CA LEU B 67 -21.73 -8.25 -24.14
C LEU B 67 -22.47 -7.36 -23.16
N MET B 68 -23.41 -6.59 -23.71
CA MET B 68 -24.12 -5.60 -22.96
C MET B 68 -24.82 -6.29 -21.80
N ASN B 69 -25.55 -7.35 -22.13
CA ASN B 69 -26.22 -8.15 -21.13
C ASN B 69 -25.32 -8.65 -20.03
N ASN B 70 -24.10 -9.05 -20.37
CA ASN B 70 -23.14 -9.39 -19.34
C ASN B 70 -22.82 -8.18 -18.49
N ALA B 71 -22.74 -7.01 -19.11
CA ALA B 71 -22.45 -5.78 -18.37
C ALA B 71 -23.52 -5.38 -17.38
N PHE B 72 -24.77 -5.54 -17.77
CA PHE B 72 -25.83 -5.19 -16.85
C PHE B 72 -25.83 -6.13 -15.64
N GLU B 73 -25.71 -7.42 -15.94
CA GLU B 73 -25.60 -8.48 -14.92
C GLU B 73 -24.44 -8.19 -13.99
N TRP B 74 -23.30 -7.89 -14.55
CA TRP B 74 -22.18 -7.47 -13.75
C TRP B 74 -22.52 -6.29 -12.78
N ILE B 75 -23.00 -5.18 -13.34
CA ILE B 75 -23.28 -4.00 -12.53
C ILE B 75 -24.12 -4.33 -11.29
N VAL B 76 -25.20 -5.07 -11.49
CA VAL B 76 -26.09 -5.42 -10.38
C VAL B 76 -25.53 -6.50 -9.46
N GLN B 77 -25.01 -7.58 -10.02
CA GLN B 77 -24.58 -8.72 -9.24
C GLN B 77 -23.20 -8.52 -8.62
N GLU B 78 -22.31 -7.84 -9.31
CA GLU B 78 -20.95 -7.67 -8.75
C GLU B 78 -20.67 -6.25 -8.26
N ASN B 79 -21.35 -5.25 -8.81
CA ASN B 79 -21.01 -3.85 -8.56
C ASN B 79 -22.02 -3.01 -7.80
N ASN B 80 -22.91 -3.67 -7.05
CA ASN B 80 -23.90 -3.00 -6.21
C ASN B 80 -24.81 -2.02 -6.91
N GLY B 81 -24.97 -2.20 -8.22
CA GLY B 81 -25.83 -1.34 -8.99
C GLY B 81 -25.08 -0.13 -9.51
N ALA B 82 -23.86 0.11 -9.06
CA ALA B 82 -23.16 1.36 -9.37
C ALA B 82 -22.75 1.47 -10.81
N VAL B 83 -23.06 2.60 -11.43
CA VAL B 83 -22.27 3.09 -12.53
C VAL B 83 -21.68 4.47 -12.19
N TYR B 84 -20.40 4.61 -12.45
CA TYR B 84 -19.68 5.79 -12.07
C TYR B 84 -19.81 6.91 -13.12
N THR B 85 -19.51 8.16 -12.74
CA THR B 85 -19.51 9.26 -13.68
C THR B 85 -18.24 9.24 -14.51
N GLU B 86 -18.39 9.65 -15.78
CA GLU B 86 -17.26 9.72 -16.68
C GLU B 86 -16.23 10.70 -16.17
N ASP B 87 -16.67 11.82 -15.59
CA ASP B 87 -15.72 12.76 -15.00
C ASP B 87 -14.88 12.09 -13.94
N SER B 88 -15.48 11.32 -13.03
CA SER B 88 -14.76 10.69 -11.93
C SER B 88 -14.00 9.37 -12.24
N TYR B 89 -14.21 8.77 -13.42
CA TYR B 89 -13.48 7.54 -13.88
C TYR B 89 -13.38 7.62 -15.39
N PRO B 90 -12.57 8.55 -15.86
CA PRO B 90 -12.57 8.89 -17.26
C PRO B 90 -11.99 7.79 -18.12
N TYR B 91 -12.19 7.91 -19.42
CA TYR B 91 -11.88 6.86 -20.36
C TYR B 91 -10.42 6.89 -20.75
N ALA B 92 -9.72 5.79 -20.55
CA ALA B 92 -8.30 5.80 -20.76
C ALA B 92 -7.85 4.66 -21.64
N SER B 93 -8.81 3.97 -22.26
CA SER B 93 -8.46 2.80 -23.07
C SER B 93 -8.29 3.15 -24.51
N GLY B 94 -8.35 4.46 -24.80
CA GLY B 94 -8.33 4.96 -26.17
C GLY B 94 -7.15 4.57 -27.01
N GLU B 95 -6.10 4.03 -26.39
CA GLU B 95 -4.93 3.56 -27.13
C GLU B 95 -4.69 2.03 -27.00
N GLY B 96 -5.77 1.29 -26.74
CA GLY B 96 -5.75 -0.17 -26.69
C GLY B 96 -5.43 -0.78 -25.35
N ILE B 97 -5.09 0.05 -24.36
CA ILE B 97 -4.47 -0.38 -23.08
C ILE B 97 -5.31 0.04 -21.85
N SER B 98 -6.07 -0.89 -21.28
CA SER B 98 -6.94 -0.55 -20.16
C SER B 98 -6.21 -0.50 -18.85
N PRO B 99 -6.42 0.55 -18.06
CA PRO B 99 -5.80 0.52 -16.74
C PRO B 99 -6.55 -0.42 -15.80
N PRO B 100 -6.01 -0.65 -14.60
CA PRO B 100 -6.56 -1.70 -13.74
C PRO B 100 -7.77 -1.19 -13.02
N CYS B 101 -8.56 -2.11 -12.47
CA CYS B 101 -9.79 -1.74 -11.81
C CYS B 101 -9.44 -0.99 -10.53
N THR B 102 -10.24 0.02 -10.20
CA THR B 102 -9.94 0.95 -9.13
C THR B 102 -11.24 1.18 -8.38
N THR B 103 -11.16 1.39 -7.07
CA THR B 103 -12.31 1.65 -6.20
C THR B 103 -11.97 2.76 -5.19
N SER B 104 -11.09 3.67 -5.60
CA SER B 104 -10.63 4.76 -4.75
C SER B 104 -11.44 6.04 -4.92
N GLY B 105 -12.68 6.04 -4.48
CA GLY B 105 -13.37 7.30 -4.27
C GLY B 105 -13.98 7.89 -5.50
N HIS B 106 -14.43 7.05 -6.42
CA HIS B 106 -15.20 7.47 -7.58
C HIS B 106 -16.60 7.85 -7.22
N THR B 107 -17.28 8.53 -8.16
CA THR B 107 -18.63 9.06 -7.95
C THR B 107 -19.70 8.22 -8.63
N VAL B 108 -20.68 7.79 -7.84
CA VAL B 108 -21.75 6.99 -8.41
C VAL B 108 -22.65 7.89 -9.23
N GLY B 109 -22.58 7.73 -10.55
CA GLY B 109 -23.41 8.53 -11.47
C GLY B 109 -24.84 7.99 -11.62
N ALA B 110 -24.99 6.69 -11.45
CA ALA B 110 -26.29 6.06 -11.59
C ALA B 110 -26.30 4.79 -10.80
N THR B 111 -27.50 4.28 -10.59
CA THR B 111 -27.71 3.12 -9.77
C THR B 111 -28.84 2.32 -10.36
N ILE B 112 -28.53 1.09 -10.74
CA ILE B 112 -29.54 0.22 -11.33
C ILE B 112 -29.85 -1.03 -10.51
N THR B 113 -31.01 -1.59 -10.77
CA THR B 113 -31.48 -2.72 -10.00
C THR B 113 -31.60 -3.97 -10.88
N GLY B 114 -31.37 -3.84 -12.18
CA GLY B 114 -31.51 -4.99 -13.05
C GLY B 114 -31.54 -4.67 -14.51
N HIS B 115 -31.92 -5.62 -15.34
CA HIS B 115 -32.04 -5.35 -16.77
C HIS B 115 -33.14 -6.18 -17.38
N VAL B 116 -33.53 -5.87 -18.62
CA VAL B 116 -34.51 -6.67 -19.35
C VAL B 116 -34.06 -6.92 -20.76
N GLU B 117 -34.25 -8.16 -21.21
CA GLU B 117 -33.91 -8.62 -22.53
C GLU B 117 -35.21 -8.57 -23.29
N LEU B 118 -35.21 -7.88 -24.42
CA LEU B 118 -36.41 -7.61 -25.16
C LEU B 118 -36.54 -8.67 -26.21
N PRO B 119 -37.79 -9.01 -26.58
CA PRO B 119 -38.00 -10.05 -27.58
C PRO B 119 -37.45 -9.68 -28.94
N GLN B 120 -37.31 -10.69 -29.76
CA GLN B 120 -36.70 -10.55 -31.06
C GLN B 120 -37.77 -10.23 -32.08
N ASP B 121 -38.24 -9.01 -31.99
CA ASP B 121 -39.33 -8.53 -32.82
C ASP B 121 -39.18 -7.01 -32.85
N GLU B 122 -39.09 -6.46 -34.04
CA GLU B 122 -38.79 -5.06 -34.19
C GLU B 122 -39.91 -4.19 -33.69
N ALA B 123 -41.16 -4.59 -33.95
CA ALA B 123 -42.31 -3.80 -33.55
C ALA B 123 -42.39 -3.67 -32.03
N GLN B 124 -42.13 -4.76 -31.32
CA GLN B 124 -42.19 -4.74 -29.87
C GLN B 124 -41.01 -3.97 -29.29
N ILE B 125 -39.88 -3.93 -29.99
CA ILE B 125 -38.74 -3.18 -29.47
C ILE B 125 -39.08 -1.69 -29.52
N ALA B 126 -39.49 -1.26 -30.70
CA ALA B 126 -39.99 0.08 -30.96
C ALA B 126 -41.08 0.46 -29.98
N ALA B 127 -42.07 -0.40 -29.83
CA ALA B 127 -43.10 -0.16 -28.84
C ALA B 127 -42.45 0.06 -27.47
N TRP B 128 -41.54 -0.81 -27.07
CA TRP B 128 -40.95 -0.72 -25.75
C TRP B 128 -40.18 0.57 -25.60
N LEU B 129 -39.41 0.88 -26.64
CA LEU B 129 -38.59 2.07 -26.68
C LEU B 129 -39.39 3.35 -26.63
N ALA B 130 -40.55 3.33 -27.27
CA ALA B 130 -41.41 4.52 -27.32
C ALA B 130 -41.87 4.96 -25.91
N VAL B 131 -42.04 4.02 -25.01
CA VAL B 131 -42.46 4.29 -23.66
C VAL B 131 -41.28 4.36 -22.69
N ASN B 132 -40.27 3.52 -22.90
CA ASN B 132 -39.23 3.33 -21.89
C ASN B 132 -37.87 3.89 -22.18
N GLY B 133 -37.59 4.21 -23.42
CA GLY B 133 -36.36 4.90 -23.70
C GLY B 133 -35.50 4.13 -24.63
N PRO B 134 -34.29 4.63 -24.87
CA PRO B 134 -33.32 4.02 -25.72
C PRO B 134 -33.00 2.63 -25.24
N VAL B 135 -32.66 1.78 -26.20
CA VAL B 135 -32.42 0.39 -26.03
C VAL B 135 -31.06 0.00 -26.59
N ALA B 136 -30.34 -0.83 -25.84
CA ALA B 136 -29.01 -1.32 -26.22
C ALA B 136 -29.17 -2.47 -27.16
N VAL B 137 -28.47 -2.44 -28.30
CA VAL B 137 -28.60 -3.51 -29.27
C VAL B 137 -27.28 -3.97 -29.87
N ALA B 138 -27.27 -5.25 -30.29
CA ALA B 138 -26.18 -5.82 -31.05
C ALA B 138 -26.47 -5.72 -32.52
N VAL B 139 -25.42 -5.45 -33.31
CA VAL B 139 -25.49 -5.44 -34.75
C VAL B 139 -24.30 -6.11 -35.45
N ASP B 140 -24.60 -6.65 -36.63
CA ASP B 140 -23.58 -6.98 -37.59
C ASP B 140 -23.20 -5.66 -38.22
N ALA B 141 -22.02 -5.15 -37.88
CA ALA B 141 -21.53 -3.90 -38.48
C ALA B 141 -20.36 -4.09 -39.46
N SER B 142 -20.28 -5.24 -40.11
CA SER B 142 -19.18 -5.45 -41.06
C SER B 142 -19.20 -4.33 -42.11
N SER B 143 -20.39 -4.04 -42.65
CA SER B 143 -20.56 -3.10 -43.76
C SER B 143 -20.73 -1.63 -43.30
N TRP B 144 -20.15 -1.26 -42.15
CA TRP B 144 -20.31 0.10 -41.61
C TRP B 144 -19.07 1.01 -41.72
N MET B 145 -17.88 0.44 -41.85
CA MET B 145 -16.67 1.25 -41.99
C MET B 145 -16.91 2.39 -42.99
N THR B 146 -17.55 2.05 -44.11
CA THR B 146 -17.77 2.96 -45.25
C THR B 146 -18.87 4.02 -45.10
N TYR B 147 -19.78 3.84 -44.15
CA TYR B 147 -21.02 4.65 -44.09
C TYR B 147 -20.79 6.14 -43.89
N THR B 148 -21.45 6.95 -44.72
CA THR B 148 -21.34 8.42 -44.64
C THR B 148 -22.69 9.15 -44.55
N GLY B 149 -23.80 8.41 -44.52
CA GLY B 149 -25.12 9.02 -44.47
C GLY B 149 -26.19 8.26 -45.25
N GLY B 150 -27.43 8.61 -44.97
CA GLY B 150 -28.55 8.02 -45.67
C GLY B 150 -29.18 6.96 -44.81
N VAL B 151 -30.31 6.44 -45.30
CA VAL B 151 -30.89 5.24 -44.73
C VAL B 151 -30.22 4.10 -45.46
N MET B 152 -29.48 3.31 -44.68
CA MET B 152 -28.79 2.11 -45.17
C MET B 152 -29.79 0.98 -45.34
N THR B 153 -29.83 0.38 -46.52
CA THR B 153 -30.80 -0.65 -46.81
C THR B 153 -30.22 -2.02 -47.11
N SER B 154 -28.90 -2.13 -47.27
CA SER B 154 -28.28 -3.40 -47.70
C SER B 154 -27.21 -3.90 -46.72
N CYS B 155 -27.41 -3.57 -45.45
CA CYS B 155 -26.60 -4.08 -44.37
C CYS B 155 -26.46 -5.58 -44.54
N VAL B 156 -25.21 -6.02 -44.63
CA VAL B 156 -24.88 -7.43 -44.51
C VAL B 156 -25.29 -7.88 -43.11
N SER B 157 -26.25 -8.78 -43.05
CA SER B 157 -26.84 -9.17 -41.78
C SER B 157 -26.56 -10.63 -41.53
N GLU B 158 -25.30 -10.97 -41.26
CA GLU B 158 -24.88 -12.38 -41.08
C GLU B 158 -24.20 -12.73 -39.74
N GLN B 159 -23.34 -11.87 -39.20
CA GLN B 159 -22.89 -12.08 -37.82
C GLN B 159 -22.77 -10.84 -36.92
N LEU B 160 -23.47 -10.87 -35.80
CA LEU B 160 -23.30 -9.87 -34.76
C LEU B 160 -21.83 -9.68 -34.40
N ASP B 161 -21.28 -8.50 -34.61
CA ASP B 161 -19.92 -8.21 -34.14
C ASP B 161 -19.81 -6.92 -33.35
N HIS B 162 -20.91 -6.17 -33.21
CA HIS B 162 -20.85 -4.79 -32.73
C HIS B 162 -22.04 -4.41 -31.85
N GLY B 163 -21.80 -3.54 -30.85
CA GLY B 163 -22.86 -3.04 -29.94
C GLY B 163 -23.08 -1.54 -30.04
N VAL B 164 -24.34 -1.12 -30.05
CA VAL B 164 -24.71 0.30 -30.18
C VAL B 164 -26.06 0.56 -29.52
N LEU B 165 -26.55 1.78 -29.68
CA LEU B 165 -27.73 2.24 -28.95
C LEU B 165 -28.78 2.79 -29.88
N LEU B 166 -29.98 2.23 -29.76
CA LEU B 166 -31.15 2.75 -30.45
C LEU B 166 -31.74 3.88 -29.65
N VAL B 167 -31.84 5.05 -30.28
CA VAL B 167 -32.40 6.22 -29.65
C VAL B 167 -33.69 6.68 -30.23
N GLY B 168 -34.19 6.01 -31.27
CA GLY B 168 -35.44 6.45 -31.91
C GLY B 168 -35.72 5.78 -33.25
N TYR B 169 -36.91 6.07 -33.78
CA TYR B 169 -37.31 5.53 -35.10
C TYR B 169 -38.27 6.49 -35.75
N ASN B 170 -38.48 6.23 -37.02
CA ASN B 170 -39.42 6.96 -37.83
C ASN B 170 -40.11 6.06 -38.84
N ASP B 171 -41.37 5.71 -38.56
CA ASP B 171 -42.21 4.94 -39.49
C ASP B 171 -42.93 5.78 -40.55
N SER B 172 -42.95 7.12 -40.39
CA SER B 172 -43.50 8.06 -41.38
C SER B 172 -42.69 8.02 -42.66
N ALA B 173 -41.36 7.94 -42.51
CA ALA B 173 -40.42 8.17 -43.62
C ALA B 173 -40.61 7.16 -44.70
N ALA B 174 -40.11 7.52 -45.89
CA ALA B 174 -40.28 6.76 -47.13
C ALA B 174 -39.78 5.35 -46.95
N VAL B 175 -38.59 5.25 -46.38
CA VAL B 175 -38.02 4.04 -45.92
C VAL B 175 -38.03 4.14 -44.38
N PRO B 176 -38.99 3.48 -43.72
CA PRO B 176 -38.99 3.57 -42.25
C PRO B 176 -37.63 3.16 -41.72
N TYR B 177 -37.21 3.73 -40.58
CA TYR B 177 -35.86 3.51 -40.11
C TYR B 177 -35.63 3.70 -38.62
N TRP B 178 -34.60 3.03 -38.12
CA TRP B 178 -34.12 3.25 -36.79
C TRP B 178 -33.09 4.34 -36.82
N ILE B 179 -32.90 4.96 -35.66
CA ILE B 179 -31.90 5.98 -35.47
C ILE B 179 -31.00 5.52 -34.38
N ILE B 180 -29.70 5.48 -34.67
CA ILE B 180 -28.76 4.74 -33.86
C ILE B 180 -27.52 5.54 -33.59
N LYS B 181 -27.16 5.59 -32.30
CA LYS B 181 -25.95 6.23 -31.87
C LYS B 181 -24.80 5.21 -31.91
N ASN B 182 -23.71 5.59 -32.54
CA ASN B 182 -22.52 4.80 -32.62
C ASN B 182 -21.51 5.49 -31.73
N SER B 183 -20.34 4.90 -31.52
CA SER B 183 -19.36 5.50 -30.64
C SER B 183 -18.02 5.62 -31.35
N TRP B 184 -18.04 6.12 -32.57
CA TRP B 184 -16.82 6.28 -33.34
C TRP B 184 -16.55 7.74 -33.68
N THR B 185 -16.82 8.64 -32.73
CA THR B 185 -16.66 10.13 -32.91
C THR B 185 -17.74 10.72 -33.83
N THR B 186 -17.91 12.04 -33.78
CA THR B 186 -18.86 12.71 -34.70
C THR B 186 -18.35 12.88 -36.13
N GLN B 187 -17.08 12.59 -36.39
CA GLN B 187 -16.58 12.53 -37.78
C GLN B 187 -17.33 11.49 -38.58
N TRP B 188 -17.55 10.32 -37.99
CA TRP B 188 -18.16 9.19 -38.68
C TRP B 188 -19.66 9.41 -38.74
N GLY B 189 -20.24 9.00 -39.87
CA GLY B 189 -21.69 9.00 -40.07
C GLY B 189 -22.37 10.37 -40.17
N GLU B 190 -23.64 10.39 -39.76
CA GLU B 190 -24.36 11.62 -39.63
C GLU B 190 -24.09 12.10 -38.24
N GLU B 191 -22.94 12.75 -38.06
CA GLU B 191 -22.58 13.30 -36.76
C GLU B 191 -22.51 12.21 -35.67
N GLY B 192 -21.92 11.07 -36.01
CA GLY B 192 -21.81 9.97 -35.05
C GLY B 192 -22.98 9.01 -35.01
N TYR B 193 -24.03 9.28 -35.78
CA TYR B 193 -25.21 8.42 -35.83
C TYR B 193 -25.35 7.78 -37.16
N ILE B 194 -26.20 6.77 -37.21
CA ILE B 194 -26.58 6.11 -38.45
C ILE B 194 -28.07 5.80 -38.42
N ARG B 195 -28.69 5.84 -39.59
CA ARG B 195 -30.05 5.34 -39.77
C ARG B 195 -29.99 4.10 -40.64
N ILE B 196 -30.50 2.99 -40.09
CA ILE B 196 -30.67 1.75 -40.85
C ILE B 196 -32.16 1.51 -41.03
N ALA B 197 -32.51 0.95 -42.19
CA ALA B 197 -33.90 0.64 -42.49
C ALA B 197 -34.52 -0.23 -41.42
N LYS B 198 -35.83 -0.18 -41.32
CA LYS B 198 -36.53 -0.77 -40.21
C LYS B 198 -37.72 -1.58 -40.70
N GLY B 199 -37.88 -2.78 -40.13
CA GLY B 199 -38.87 -3.75 -40.59
C GLY B 199 -38.26 -4.98 -41.25
N SER B 200 -37.00 -4.89 -41.70
CA SER B 200 -36.32 -6.04 -42.34
C SER B 200 -35.14 -6.65 -41.54
N ASN B 201 -35.02 -6.33 -40.25
CA ASN B 201 -33.91 -6.83 -39.41
C ASN B 201 -32.51 -6.59 -40.01
N GLN B 202 -32.34 -5.42 -40.59
CA GLN B 202 -31.03 -4.95 -41.04
C GLN B 202 -30.06 -5.12 -39.90
N CYS B 203 -28.91 -5.69 -40.23
CA CYS B 203 -27.82 -5.88 -39.30
C CYS B 203 -28.18 -6.76 -38.12
N LEU B 204 -29.19 -7.61 -38.29
CA LEU B 204 -29.66 -8.43 -37.21
C LEU B 204 -30.00 -7.56 -36.00
N VAL B 205 -30.59 -6.40 -36.24
CA VAL B 205 -30.80 -5.42 -35.20
C VAL B 205 -31.66 -5.95 -34.06
N LYS B 206 -32.59 -6.85 -34.35
CA LYS B 206 -33.57 -7.33 -33.37
C LYS B 206 -33.11 -8.46 -32.45
N GLU B 207 -31.88 -8.94 -32.68
CA GLU B 207 -31.43 -10.24 -32.21
C GLU B 207 -31.07 -10.32 -30.70
N GLU B 208 -30.44 -9.26 -30.17
CA GLU B 208 -30.22 -9.19 -28.73
CA GLU B 208 -30.08 -9.16 -28.75
C GLU B 208 -30.23 -7.72 -28.26
N ALA B 209 -31.46 -7.33 -27.97
CA ALA B 209 -31.80 -6.00 -27.56
C ALA B 209 -32.18 -6.02 -26.09
N SER B 210 -31.75 -5.01 -25.35
CA SER B 210 -31.97 -5.01 -23.92
C SER B 210 -31.78 -3.63 -23.33
N SER B 211 -32.22 -3.46 -22.08
CA SER B 211 -32.01 -2.22 -21.34
C SER B 211 -31.85 -2.46 -19.85
N ALA B 212 -31.04 -1.63 -19.22
CA ALA B 212 -31.01 -1.55 -17.78
C ALA B 212 -32.34 -1.08 -17.24
N VAL B 213 -32.51 -1.34 -15.96
CA VAL B 213 -33.66 -0.88 -15.19
C VAL B 213 -33.15 -0.18 -13.94
N VAL B 214 -33.62 1.03 -13.79
CA VAL B 214 -33.29 1.85 -12.67
C VAL B 214 -34.28 1.58 -11.56
N GLY B 215 -33.92 1.93 -10.34
CA GLY B 215 -34.93 2.12 -9.28
C GLY B 215 -36.23 1.34 -9.49
N ALA C 1 23.95 35.60 10.40
CA ALA C 1 23.11 34.36 10.53
C ALA C 1 23.30 33.44 9.33
N PRO C 2 23.46 32.15 9.60
CA PRO C 2 23.41 31.25 8.45
C PRO C 2 21.98 31.17 7.92
N ALA C 3 21.84 30.83 6.64
CA ALA C 3 20.54 30.74 5.96
C ALA C 3 19.58 29.77 6.62
N ALA C 4 20.13 28.68 7.14
CA ALA C 4 19.31 27.64 7.75
C ALA C 4 20.07 27.00 8.86
N VAL C 5 19.35 26.64 9.92
CA VAL C 5 19.95 26.03 11.09
C VAL C 5 19.00 24.98 11.56
N ASP C 6 19.51 23.82 11.98
CA ASP C 6 18.67 22.74 12.57
C ASP C 6 19.53 22.01 13.58
N TRP C 7 19.21 22.20 14.87
CA TRP C 7 20.09 21.72 15.93
C TRP C 7 20.00 20.21 16.04
N ARG C 8 18.97 19.61 15.44
CA ARG C 8 18.84 18.17 15.46
C ARG C 8 19.95 17.55 14.65
N ALA C 9 20.35 18.21 13.57
CA ALA C 9 21.48 17.71 12.78
C ALA C 9 22.82 17.80 13.54
N ARG C 10 22.87 18.41 14.73
CA ARG C 10 24.09 18.49 15.52
C ARG C 10 24.08 17.57 16.72
N GLY C 11 23.16 16.60 16.71
CA GLY C 11 22.95 15.73 17.83
C GLY C 11 22.66 16.40 19.16
N ALA C 12 21.93 17.52 19.14
CA ALA C 12 21.77 18.37 20.33
C ALA C 12 20.38 18.38 20.99
N VAL C 13 19.42 17.67 20.37
CA VAL C 13 18.03 17.63 20.84
C VAL C 13 17.63 16.19 21.24
N THR C 14 16.93 16.05 22.36
CA THR C 14 16.43 14.78 22.84
C THR C 14 15.17 14.37 22.07
N ALA C 15 14.71 13.16 22.33
CA ALA C 15 13.53 12.66 21.71
C ALA C 15 12.31 13.49 22.11
N VAL C 16 11.32 13.51 21.23
CA VAL C 16 10.06 14.13 21.54
C VAL C 16 9.32 13.41 22.65
N LYS C 17 8.91 14.17 23.66
CA LYS C 17 8.21 13.65 24.85
C LYS C 17 6.69 13.80 24.76
N ASP C 18 5.99 13.35 25.80
CA ASP C 18 4.52 13.29 25.82
C ASP C 18 4.03 13.82 27.16
N GLN C 19 3.49 15.02 27.14
CA GLN C 19 3.00 15.67 28.35
C GLN C 19 1.68 15.02 28.85
N GLY C 20 1.04 14.26 27.99
CA GLY C 20 -0.19 13.57 28.36
C GLY C 20 -1.31 14.55 28.65
N GLN C 21 -2.16 14.23 29.61
CA GLN C 21 -3.31 15.08 29.87
C GLN C 21 -3.07 16.00 31.04
N CYS C 22 -1.92 16.67 31.03
CA CYS C 22 -1.51 17.63 32.04
C CYS C 22 -1.10 18.96 31.37
N GLY C 23 -1.42 20.09 32.00
CA GLY C 23 -1.02 21.41 31.49
C GLY C 23 0.44 21.77 31.79
N SER C 24 1.35 20.86 31.49
CA SER C 24 2.77 21.00 31.84
C SER C 24 3.66 21.46 30.67
N CYS C 25 3.08 21.83 29.53
CA CYS C 25 3.86 22.33 28.37
C CYS C 25 5.02 23.24 28.76
N TRP C 26 4.77 24.16 29.69
CA TRP C 26 5.81 25.08 30.19
C TRP C 26 7.06 24.37 30.67
N ALA C 27 6.87 23.27 31.41
CA ALA C 27 7.96 22.44 31.92
C ALA C 27 8.72 21.76 30.81
N PHE C 28 8.00 21.23 29.83
CA PHE C 28 8.67 20.61 28.70
C PHE C 28 9.45 21.61 27.88
N SER C 29 8.89 22.80 27.75
CA SER C 29 9.61 23.83 27.00
C SER C 29 10.90 24.20 27.77
N ALA C 30 10.75 24.49 29.07
CA ALA C 30 11.88 24.85 29.91
C ALA C 30 12.95 23.78 29.89
N ILE C 31 12.54 22.52 30.03
CA ILE C 31 13.48 21.41 30.10
C ILE C 31 14.21 21.16 28.77
N GLY C 32 13.47 21.05 27.67
CA GLY C 32 14.09 20.89 26.34
C GLY C 32 15.23 21.88 26.21
N ASN C 33 14.92 23.13 26.57
CA ASN C 33 15.88 24.22 26.47
C ASN C 33 17.14 23.94 27.28
N VAL C 34 16.95 23.39 28.47
CA VAL C 34 18.07 23.12 29.35
C VAL C 34 18.89 21.93 28.84
N GLU C 35 18.20 20.90 28.41
CA GLU C 35 18.84 19.76 27.81
C GLU C 35 19.85 20.22 26.73
N CYS C 36 19.39 21.03 25.77
CA CYS C 36 20.26 21.44 24.64
C CYS C 36 21.37 22.40 25.08
N GLN C 37 21.07 23.21 26.05
CA GLN C 37 22.04 24.09 26.60
C GLN C 37 23.12 23.31 27.31
N TRP C 38 22.73 22.36 28.14
CA TRP C 38 23.68 21.40 28.70
C TRP C 38 24.55 20.67 27.66
N PHE C 39 23.95 20.13 26.61
CA PHE C 39 24.76 19.50 25.56
C PHE C 39 25.77 20.47 24.93
N LEU C 40 25.33 21.68 24.65
CA LEU C 40 26.17 22.65 23.93
C LEU C 40 27.24 23.29 24.79
N ALA C 41 27.10 23.15 26.11
CA ALA C 41 28.20 23.46 27.03
C ALA C 41 29.35 22.41 26.96
N GLY C 42 29.15 21.33 26.20
CA GLY C 42 30.16 20.27 26.00
C GLY C 42 30.01 19.11 26.97
N HIS C 43 28.75 18.70 27.21
CA HIS C 43 28.43 17.55 28.04
C HIS C 43 27.60 16.54 27.21
N PRO C 44 27.57 15.25 27.63
CA PRO C 44 26.68 14.26 27.01
C PRO C 44 25.22 14.66 27.09
N LEU C 45 24.53 14.48 25.98
CA LEU C 45 23.11 14.78 25.86
C LEU C 45 22.33 13.87 26.80
N THR C 46 21.55 14.53 27.64
CA THR C 46 20.95 13.99 28.83
C THR C 46 19.48 14.35 28.88
N ASN C 47 18.59 13.38 29.04
CA ASN C 47 17.16 13.69 29.29
C ASN C 47 16.97 14.16 30.72
N LEU C 48 16.27 15.29 30.90
CA LEU C 48 16.13 15.95 32.21
C LEU C 48 14.68 15.92 32.70
N SER C 49 14.46 16.08 34.01
CA SER C 49 13.11 15.90 34.62
C SER C 49 12.16 17.10 34.48
N GLU C 50 11.10 16.88 33.69
CA GLU C 50 9.94 17.78 33.72
C GLU C 50 9.14 17.63 35.01
N GLN C 51 9.03 16.42 35.51
CA GLN C 51 8.25 16.16 36.71
C GLN C 51 8.73 17.00 37.89
N MET C 52 10.05 17.13 38.02
CA MET C 52 10.67 17.95 39.06
C MET C 52 10.08 19.37 39.13
N LEU C 53 9.82 19.98 37.99
CA LEU C 53 9.19 21.31 37.96
C LEU C 53 7.71 21.23 38.27
N VAL C 54 7.00 20.29 37.63
CA VAL C 54 5.55 20.13 37.79
C VAL C 54 5.24 19.88 39.25
N SER C 55 6.01 19.01 39.90
CA SER C 55 5.78 18.68 41.30
C SER C 55 6.43 19.65 42.30
N CYS C 56 7.63 20.15 41.99
CA CYS C 56 8.42 20.95 42.98
C CYS C 56 8.44 22.47 42.80
N ASP C 57 8.20 22.93 41.57
CA ASP C 57 8.22 24.35 41.27
C ASP C 57 6.84 24.88 41.60
N LYS C 58 6.72 25.54 42.75
CA LYS C 58 5.43 25.90 43.30
C LYS C 58 5.00 27.30 42.93
N THR C 59 5.91 28.09 42.37
CA THR C 59 5.55 29.42 41.87
C THR C 59 4.81 29.27 40.54
N ASP C 60 5.07 28.21 39.79
CA ASP C 60 4.19 27.82 38.69
C ASP C 60 3.14 26.86 39.25
N SER C 61 2.15 26.46 38.45
CA SER C 61 1.01 25.68 38.99
C SER C 61 0.89 24.23 38.49
N GLY C 62 2.02 23.53 38.32
CA GLY C 62 1.97 22.12 37.90
C GLY C 62 1.08 21.87 36.67
N CYS C 63 0.05 21.05 36.84
CA CYS C 63 -0.86 20.71 35.71
C CYS C 63 -1.85 21.82 35.34
N SER C 64 -1.99 22.81 36.20
CA SER C 64 -2.89 23.95 35.92
C SER C 64 -2.21 24.98 35.00
N GLY C 65 -0.91 24.81 34.72
CA GLY C 65 -0.13 25.77 33.94
C GLY C 65 1.11 26.36 34.59
N GLY C 66 1.85 27.15 33.82
CA GLY C 66 3.04 27.88 34.27
C GLY C 66 3.77 28.71 33.19
N LEU C 67 4.96 29.19 33.53
CA LEU C 67 5.80 30.02 32.64
C LEU C 67 7.28 29.60 32.64
N MET C 68 7.86 29.41 31.46
CA MET C 68 9.24 28.96 31.34
C MET C 68 10.17 29.86 32.15
N ASN C 69 9.92 31.15 32.08
CA ASN C 69 10.68 32.14 32.84
C ASN C 69 10.74 31.84 34.31
N ASN C 70 9.57 31.61 34.89
CA ASN C 70 9.49 31.34 36.31
C ASN C 70 10.29 30.13 36.63
N ALA C 71 10.25 29.15 35.72
CA ALA C 71 10.87 27.86 35.95
C ALA C 71 12.38 27.96 35.99
N PHE C 72 12.95 28.68 35.02
CA PHE C 72 14.37 28.97 35.05
C PHE C 72 14.76 29.62 36.37
N GLU C 73 13.88 30.46 36.92
CA GLU C 73 14.20 31.24 38.12
C GLU C 73 14.04 30.41 39.39
N TRP C 74 13.00 29.58 39.41
CA TRP C 74 12.84 28.61 40.48
C TRP C 74 14.09 27.73 40.59
N ILE C 75 14.60 27.26 39.44
CA ILE C 75 15.75 26.36 39.47
C ILE C 75 16.96 27.01 40.13
N VAL C 76 17.23 28.25 39.76
CA VAL C 76 18.37 28.96 40.30
C VAL C 76 18.11 29.32 41.74
N GLN C 77 16.97 29.94 42.00
CA GLN C 77 16.73 30.56 43.30
C GLN C 77 16.33 29.57 44.36
N GLU C 78 15.68 28.48 43.93
CA GLU C 78 15.09 27.52 44.85
C GLU C 78 15.70 26.13 44.81
N ASN C 79 16.38 25.78 43.73
CA ASN C 79 16.94 24.43 43.62
C ASN C 79 18.44 24.41 43.31
N ASN C 80 19.14 25.48 43.70
CA ASN C 80 20.60 25.62 43.57
C ASN C 80 21.18 25.51 42.17
N GLY C 81 20.34 25.72 41.16
CA GLY C 81 20.71 25.58 39.76
C GLY C 81 20.49 24.18 39.21
N ALA C 82 20.14 23.26 40.09
CA ALA C 82 20.19 21.85 39.72
C ALA C 82 18.99 21.45 38.93
N VAL C 83 19.18 20.48 38.05
CA VAL C 83 18.08 19.89 37.28
C VAL C 83 18.27 18.37 37.21
N TYR C 84 17.31 17.64 37.76
CA TYR C 84 17.47 16.21 37.88
C TYR C 84 17.34 15.51 36.53
N THR C 85 17.84 14.29 36.45
CA THR C 85 17.68 13.47 35.23
C THR C 85 16.24 12.92 35.13
N GLU C 86 15.77 12.70 33.91
CA GLU C 86 14.46 12.07 33.72
C GLU C 86 14.43 10.62 34.28
N ASP C 87 15.52 9.87 34.12
CA ASP C 87 15.73 8.56 34.77
C ASP C 87 15.43 8.55 36.27
N SER C 88 16.05 9.47 37.00
CA SER C 88 15.86 9.46 38.46
C SER C 88 14.62 10.21 38.89
N TYR C 89 13.96 10.90 37.95
CA TYR C 89 12.73 11.63 38.27
C TYR C 89 11.82 11.67 37.05
N PRO C 90 11.19 10.53 36.76
CA PRO C 90 10.37 10.32 35.58
C PRO C 90 8.99 10.97 35.64
N TYR C 91 8.51 11.34 34.47
CA TYR C 91 7.22 11.97 34.35
C TYR C 91 6.19 11.07 34.94
N ALA C 92 5.38 11.61 35.84
CA ALA C 92 4.33 10.86 36.53
C ALA C 92 2.94 11.49 36.37
N SER C 93 2.86 12.56 35.59
CA SER C 93 1.64 13.36 35.55
C SER C 93 0.91 13.13 34.23
N GLY C 94 1.15 11.98 33.61
CA GLY C 94 0.52 11.61 32.34
C GLY C 94 -0.98 11.71 32.37
N GLU C 95 -1.59 11.12 33.41
CA GLU C 95 -3.06 11.04 33.58
C GLU C 95 -3.61 12.33 34.21
N GLY C 96 -2.75 13.32 34.42
CA GLY C 96 -3.24 14.66 34.72
C GLY C 96 -3.24 15.12 36.17
N ILE C 97 -2.98 14.22 37.12
CA ILE C 97 -2.68 14.71 38.46
C ILE C 97 -1.20 14.50 38.77
N SER C 98 -0.55 15.61 39.12
CA SER C 98 0.83 15.59 39.56
C SER C 98 0.94 15.19 41.04
N PRO C 99 1.82 14.23 41.35
CA PRO C 99 2.08 13.88 42.74
C PRO C 99 2.94 14.91 43.45
N PRO C 100 3.05 14.82 44.79
CA PRO C 100 3.85 15.79 45.53
C PRO C 100 5.35 15.75 45.16
N CYS C 101 6.10 16.73 45.64
CA CYS C 101 7.55 16.78 45.45
C CYS C 101 8.24 15.67 46.28
N THR C 102 9.39 15.19 45.82
CA THR C 102 10.28 14.34 46.63
C THR C 102 11.64 15.00 46.67
N THR C 103 12.12 15.31 47.86
CA THR C 103 13.44 15.93 48.07
C THR C 103 14.59 14.97 47.74
N SER C 104 14.44 13.70 48.13
CA SER C 104 15.54 12.73 48.13
C SER C 104 15.48 11.73 46.98
N GLY C 105 16.62 11.06 46.75
CA GLY C 105 16.72 9.95 45.80
C GLY C 105 16.98 10.32 44.34
N HIS C 106 17.48 11.54 44.10
CA HIS C 106 17.60 12.04 42.74
C HIS C 106 19.01 12.34 42.32
N THR C 107 19.27 12.10 41.05
CA THR C 107 20.55 12.35 40.42
C THR C 107 20.49 13.70 39.73
N VAL C 108 21.45 14.58 40.03
CA VAL C 108 21.55 15.89 39.33
C VAL C 108 22.14 15.69 37.94
N GLY C 109 21.46 16.19 36.91
CA GLY C 109 21.84 15.94 35.52
C GLY C 109 22.29 17.15 34.73
N ALA C 110 22.05 18.35 35.26
CA ALA C 110 22.51 19.60 34.64
C ALA C 110 22.45 20.72 35.67
N THR C 111 23.21 21.77 35.47
CA THR C 111 23.20 22.94 36.35
C THR C 111 23.07 24.22 35.51
N ILE C 112 22.18 25.12 35.91
CA ILE C 112 22.05 26.44 35.25
C ILE C 112 22.48 27.56 36.21
N THR C 113 22.91 28.70 35.65
CA THR C 113 23.31 29.87 36.47
C THR C 113 22.33 31.03 36.41
N GLY C 114 21.42 30.98 35.45
CA GLY C 114 20.39 31.98 35.27
C GLY C 114 19.67 31.80 33.95
N HIS C 115 19.09 32.89 33.44
CA HIS C 115 18.51 32.82 32.11
C HIS C 115 18.48 34.24 31.55
N VAL C 116 18.09 34.30 30.29
CA VAL C 116 18.04 35.49 29.53
C VAL C 116 16.75 35.51 28.76
N GLU C 117 16.44 36.71 28.35
CA GLU C 117 15.20 37.04 27.76
C GLU C 117 15.67 37.61 26.41
N LEU C 118 15.04 37.20 25.33
CA LEU C 118 15.34 37.74 24.03
C LEU C 118 14.22 38.71 23.60
N PRO C 119 14.57 39.73 22.75
CA PRO C 119 13.61 40.71 22.26
C PRO C 119 12.49 40.10 21.44
N GLN C 120 11.41 40.85 21.27
CA GLN C 120 10.23 40.44 20.48
C GLN C 120 10.51 40.66 19.00
N ASP C 121 11.51 39.95 18.50
CA ASP C 121 12.03 40.21 17.16
C ASP C 121 12.61 38.87 16.62
N GLU C 122 11.89 38.32 15.65
CA GLU C 122 12.20 37.04 15.07
C GLU C 122 13.62 36.95 14.55
N ALA C 123 14.06 37.99 13.89
CA ALA C 123 15.39 37.97 13.29
C ALA C 123 16.41 37.98 14.41
N GLN C 124 16.10 38.66 15.50
CA GLN C 124 17.07 38.74 16.61
C GLN C 124 17.09 37.46 17.36
N ILE C 125 15.95 36.79 17.42
CA ILE C 125 15.87 35.47 18.03
C ILE C 125 16.57 34.43 17.16
N ALA C 126 16.42 34.55 15.86
CA ALA C 126 17.10 33.67 14.95
C ALA C 126 18.60 33.80 15.16
N ALA C 127 19.08 35.04 15.26
CA ALA C 127 20.53 35.21 15.45
C ALA C 127 21.00 34.63 16.78
N TRP C 128 20.16 34.62 17.81
CA TRP C 128 20.60 34.09 19.10
C TRP C 128 20.71 32.57 18.96
N LEU C 129 19.74 32.01 18.25
CA LEU C 129 19.58 30.58 18.15
C LEU C 129 20.65 29.95 17.27
N ALA C 130 21.09 30.65 16.25
CA ALA C 130 22.17 30.15 15.40
C ALA C 130 23.50 29.95 16.11
N VAL C 131 23.71 30.71 17.16
CA VAL C 131 24.97 30.73 17.88
C VAL C 131 24.88 29.89 19.16
N ASN C 132 23.73 29.95 19.83
CA ASN C 132 23.61 29.39 21.15
C ASN C 132 22.62 28.29 21.35
N GLY C 133 21.77 28.00 20.38
CA GLY C 133 20.94 26.80 20.51
C GLY C 133 19.48 27.06 20.78
N PRO C 134 18.71 25.99 20.89
CA PRO C 134 17.28 26.06 20.92
C PRO C 134 16.76 27.05 21.91
N VAL C 135 15.56 27.57 21.62
CA VAL C 135 14.99 28.68 22.38
C VAL C 135 13.57 28.33 22.89
N ALA C 136 13.33 28.68 24.14
CA ALA C 136 12.04 28.40 24.71
C ALA C 136 11.18 29.57 24.29
N VAL C 137 10.01 29.30 23.68
CA VAL C 137 9.07 30.34 23.24
C VAL C 137 7.64 30.01 23.54
N ALA C 138 6.79 31.02 23.64
CA ALA C 138 5.37 30.79 23.90
C ALA C 138 4.64 30.93 22.59
N VAL C 139 3.52 30.22 22.43
CA VAL C 139 2.67 30.37 21.24
C VAL C 139 1.18 30.28 21.52
N ASP C 140 0.40 30.81 20.59
CA ASP C 140 -1.02 30.48 20.45
C ASP C 140 -1.13 29.16 19.64
N ALA C 141 -1.55 28.08 20.32
CA ALA C 141 -1.69 26.77 19.68
C ALA C 141 -3.12 26.48 19.32
N SER C 142 -3.90 27.52 19.01
CA SER C 142 -5.31 27.30 18.72
C SER C 142 -5.47 26.48 17.45
N SER C 143 -4.67 26.77 16.42
CA SER C 143 -4.80 26.10 15.13
C SER C 143 -3.83 24.91 14.97
N TRP C 144 -3.24 24.47 16.08
CA TRP C 144 -2.27 23.38 16.06
C TRP C 144 -2.93 22.03 16.16
N MET C 145 -4.10 22.04 16.78
CA MET C 145 -4.88 20.82 16.96
C MET C 145 -4.98 20.00 15.68
N THR C 146 -5.15 20.69 14.56
CA THR C 146 -5.49 20.07 13.32
C THR C 146 -4.30 20.08 12.33
N TYR C 147 -3.11 20.41 12.82
CA TYR C 147 -1.91 20.41 11.97
C TYR C 147 -1.52 18.96 11.69
N THR C 148 -1.26 18.64 10.42
CA THR C 148 -0.84 17.29 10.04
C THR C 148 0.40 17.31 9.13
N GLY C 149 1.16 18.41 9.18
CA GLY C 149 2.29 18.60 8.29
C GLY C 149 2.17 19.84 7.42
N GLY C 150 3.33 20.38 7.06
CA GLY C 150 3.43 21.50 6.15
C GLY C 150 3.95 22.70 6.90
N VAL C 151 3.86 23.86 6.26
CA VAL C 151 4.31 25.08 6.85
C VAL C 151 3.10 25.92 7.11
N MET C 152 2.86 26.14 8.39
CA MET C 152 1.70 26.89 8.82
C MET C 152 1.91 28.35 8.42
N THR C 153 0.96 28.84 7.63
CA THR C 153 0.98 30.20 7.13
C THR C 153 -0.18 31.05 7.69
N SER C 154 -1.29 30.42 8.09
CA SER C 154 -2.45 31.16 8.60
C SER C 154 -2.75 30.73 10.02
N CYS C 155 -1.73 30.80 10.84
CA CYS C 155 -1.88 30.45 12.24
C CYS C 155 -2.77 31.49 12.89
N VAL C 156 -3.84 31.05 13.55
CA VAL C 156 -4.55 31.90 14.50
C VAL C 156 -3.53 32.44 15.51
N SER C 157 -3.41 33.76 15.62
CA SER C 157 -2.45 34.39 16.53
C SER C 157 -3.13 35.43 17.43
N GLU C 158 -3.80 35.01 18.50
CA GLU C 158 -4.56 35.94 19.35
C GLU C 158 -4.12 35.87 20.80
N GLN C 159 -4.10 34.68 21.38
CA GLN C 159 -3.63 34.56 22.73
C GLN C 159 -2.63 33.45 22.93
N LEU C 160 -1.62 33.76 23.74
CA LEU C 160 -0.61 32.78 24.11
C LEU C 160 -1.23 31.72 25.00
N ASP C 161 -1.02 30.43 24.69
CA ASP C 161 -1.55 29.31 25.51
C ASP C 161 -0.64 28.11 25.70
N HIS C 162 0.50 28.08 25.02
CA HIS C 162 1.31 26.89 24.93
C HIS C 162 2.79 27.27 24.93
N GLY C 163 3.63 26.39 25.43
CA GLY C 163 5.07 26.58 25.40
C GLY C 163 5.74 25.44 24.65
N VAL C 164 6.77 25.77 23.89
CA VAL C 164 7.46 24.84 23.03
C VAL C 164 8.93 25.27 22.86
N LEU C 165 9.62 24.64 21.92
CA LEU C 165 11.06 24.88 21.76
C LEU C 165 11.44 25.08 20.29
N LEU C 166 12.01 26.25 19.97
CA LEU C 166 12.56 26.51 18.65
C LEU C 166 13.85 25.76 18.50
N VAL C 167 13.94 24.88 17.52
CA VAL C 167 15.18 24.14 17.31
C VAL C 167 15.88 24.49 16.00
N GLY C 168 15.24 25.28 15.15
CA GLY C 168 15.95 25.85 14.00
C GLY C 168 15.02 26.61 13.07
N TYR C 169 15.53 26.91 11.88
CA TYR C 169 14.82 27.69 10.92
C TYR C 169 15.40 27.46 9.56
N ASN C 170 14.65 27.82 8.53
CA ASN C 170 15.15 27.86 7.15
C ASN C 170 14.69 29.14 6.44
N ASP C 171 15.61 30.09 6.23
CA ASP C 171 15.29 31.31 5.44
C ASP C 171 15.41 31.06 3.95
N SER C 172 16.00 29.94 3.55
CA SER C 172 16.23 29.63 2.12
C SER C 172 14.99 29.15 1.40
N ALA C 173 14.05 28.59 2.15
CA ALA C 173 12.93 27.89 1.55
C ALA C 173 12.06 28.90 0.87
N ALA C 174 11.17 28.40 0.02
CA ALA C 174 10.25 29.25 -0.70
C ALA C 174 9.48 30.04 0.32
N VAL C 175 9.06 29.36 1.39
CA VAL C 175 8.36 30.00 2.49
C VAL C 175 9.21 29.85 3.76
N PRO C 176 10.01 30.85 4.08
CA PRO C 176 10.86 30.77 5.26
C PRO C 176 10.12 30.24 6.45
N TYR C 177 10.72 29.31 7.21
CA TYR C 177 10.04 28.77 8.40
C TYR C 177 10.90 28.64 9.64
N TRP C 178 10.19 28.57 10.77
CA TRP C 178 10.69 28.07 12.04
C TRP C 178 10.42 26.56 12.13
N ILE C 179 11.27 25.88 12.90
CA ILE C 179 11.09 24.48 13.24
C ILE C 179 11.00 24.33 14.75
N ILE C 180 9.98 23.64 15.21
CA ILE C 180 9.58 23.72 16.60
C ILE C 180 9.27 22.36 17.20
N LYS C 181 9.84 22.07 18.35
CA LYS C 181 9.59 20.82 19.03
C LYS C 181 8.40 20.99 19.97
N ASN C 182 7.39 20.14 19.78
CA ASN C 182 6.23 20.05 20.63
C ASN C 182 6.40 18.90 21.64
N SER C 183 5.49 18.80 22.60
CA SER C 183 5.49 17.73 23.56
C SER C 183 4.25 16.83 23.43
N TRP C 184 3.74 16.61 22.21
CA TRP C 184 2.52 15.75 22.03
C TRP C 184 2.75 14.40 21.32
N THR C 185 3.85 13.73 21.69
CA THR C 185 4.34 12.47 21.04
C THR C 185 4.85 12.70 19.64
N THR C 186 5.60 11.70 19.18
CA THR C 186 6.14 11.67 17.83
C THR C 186 5.05 11.35 16.84
N GLN C 187 3.83 11.10 17.30
CA GLN C 187 2.74 10.80 16.38
C GLN C 187 1.97 12.02 15.86
N TRP C 188 2.22 13.17 16.48
CA TRP C 188 1.65 14.46 16.05
C TRP C 188 2.61 15.23 15.17
N GLY C 189 2.07 16.02 14.25
CA GLY C 189 2.87 16.82 13.33
C GLY C 189 3.85 16.05 12.45
N GLU C 190 5.03 16.63 12.23
CA GLU C 190 6.09 15.98 11.49
C GLU C 190 6.99 15.37 12.55
N GLU C 191 6.58 14.18 12.96
CA GLU C 191 7.25 13.37 13.95
C GLU C 191 7.48 14.14 15.22
N GLY C 192 6.44 14.86 15.67
CA GLY C 192 6.48 15.62 16.91
C GLY C 192 6.89 17.07 16.72
N TYR C 193 7.23 17.46 15.49
CA TYR C 193 7.66 18.82 15.17
C TYR C 193 6.61 19.49 14.31
N ILE C 194 6.70 20.81 14.27
CA ILE C 194 5.86 21.60 13.37
C ILE C 194 6.72 22.66 12.73
N ARG C 195 6.39 22.97 11.49
CA ARG C 195 6.94 24.14 10.83
C ARG C 195 5.90 25.24 10.70
N ILE C 196 6.27 26.45 11.12
CA ILE C 196 5.44 27.63 10.87
C ILE C 196 6.30 28.63 10.12
N ALA C 197 5.66 29.49 9.34
CA ALA C 197 6.33 30.51 8.56
C ALA C 197 7.08 31.48 9.47
N LYS C 198 8.22 31.95 8.97
CA LYS C 198 9.11 32.81 9.72
C LYS C 198 9.03 34.19 9.11
N GLY C 199 8.87 35.20 9.95
CA GLY C 199 8.74 36.57 9.46
C GLY C 199 7.37 37.24 9.55
N SER C 200 6.35 36.53 10.02
CA SER C 200 5.04 37.17 10.16
C SER C 200 4.46 37.05 11.55
N ASN C 201 5.26 36.63 12.52
CA ASN C 201 4.79 36.40 13.89
C ASN C 201 3.68 35.33 13.99
N GLN C 202 3.85 34.24 13.26
CA GLN C 202 2.84 33.18 13.26
C GLN C 202 2.65 32.70 14.68
N CYS C 203 1.40 32.50 15.08
CA CYS C 203 1.12 32.05 16.44
C CYS C 203 1.81 32.86 17.54
N LEU C 204 2.06 34.15 17.33
CA LEU C 204 2.69 35.00 18.34
C LEU C 204 4.03 34.46 18.79
N VAL C 205 4.74 33.80 17.89
CA VAL C 205 5.94 33.12 18.25
C VAL C 205 7.06 34.01 18.82
N LYS C 206 7.09 35.29 18.50
CA LYS C 206 8.17 36.17 19.03
C LYS C 206 7.84 36.81 20.37
N GLU C 207 6.60 36.69 20.80
CA GLU C 207 6.12 37.50 21.90
C GLU C 207 6.91 37.18 23.17
N GLU C 208 7.31 35.92 23.35
CA GLU C 208 7.85 35.52 24.65
C GLU C 208 8.93 34.46 24.61
N ALA C 209 10.14 34.84 24.26
CA ALA C 209 11.22 33.91 23.98
C ALA C 209 12.28 34.01 25.04
N SER C 210 12.93 32.91 25.39
CA SER C 210 13.93 33.00 26.45
C SER C 210 14.78 31.77 26.53
N SER C 211 15.83 31.84 27.33
CA SER C 211 16.78 30.72 27.40
C SER C 211 17.61 30.68 28.67
N ALA C 212 17.80 29.47 29.14
CA ALA C 212 18.63 29.24 30.28
C ALA C 212 20.08 29.44 29.88
N VAL C 213 20.89 29.70 30.90
CA VAL C 213 22.30 29.82 30.76
C VAL C 213 23.01 28.75 31.63
N VAL C 214 23.96 28.06 31.00
CA VAL C 214 24.81 27.10 31.66
C VAL C 214 26.18 27.69 31.90
N GLY C 215 26.70 27.55 33.12
CA GLY C 215 28.13 27.80 33.41
C GLY C 215 28.54 29.24 33.60
N ALA D 1 6.26 1.33 2.39
CA ALA D 1 6.94 2.24 3.35
C ALA D 1 6.42 3.68 3.23
N PRO D 2 6.83 4.57 4.16
CA PRO D 2 6.52 5.97 3.97
C PRO D 2 7.28 6.59 2.79
N ALA D 3 6.81 7.75 2.35
CA ALA D 3 7.36 8.45 1.18
C ALA D 3 8.71 9.09 1.47
N ALA D 4 8.92 9.44 2.75
CA ALA D 4 10.09 10.14 3.22
C ALA D 4 10.41 9.74 4.61
N VAL D 5 11.71 9.68 4.91
CA VAL D 5 12.23 9.29 6.22
C VAL D 5 13.56 10.03 6.46
N ASP D 6 13.78 10.51 7.69
CA ASP D 6 15.06 11.14 8.06
C ASP D 6 15.24 10.98 9.57
N TRP D 7 16.14 10.10 9.95
CA TRP D 7 16.34 9.76 11.35
C TRP D 7 16.90 10.89 12.13
N ARG D 8 17.32 11.98 11.50
CA ARG D 8 17.75 13.17 12.29
C ARG D 8 16.56 13.86 13.01
N ALA D 9 15.40 13.81 12.35
CA ALA D 9 14.21 14.34 12.91
C ALA D 9 13.82 13.65 14.21
N ARG D 10 14.39 12.47 14.46
CA ARG D 10 14.06 11.69 15.64
CA ARG D 10 14.10 11.68 15.65
C ARG D 10 15.15 11.81 16.72
N GLY D 11 16.20 12.56 16.44
CA GLY D 11 17.28 12.75 17.41
C GLY D 11 18.17 11.54 17.45
N ALA D 12 18.19 10.78 16.35
CA ALA D 12 18.78 9.47 16.38
C ALA D 12 20.25 9.48 15.95
N VAL D 13 20.78 10.62 15.56
CA VAL D 13 22.08 10.71 14.90
C VAL D 13 22.99 11.77 15.50
N THR D 14 24.17 11.37 15.89
CA THR D 14 25.14 12.28 16.42
C THR D 14 25.65 13.22 15.31
N ALA D 15 26.41 14.22 15.72
CA ALA D 15 26.90 15.21 14.86
C ALA D 15 27.86 14.62 13.84
N VAL D 16 28.18 15.37 12.79
CA VAL D 16 29.15 14.93 11.81
C VAL D 16 30.55 14.93 12.43
N LYS D 17 31.31 13.85 12.21
CA LYS D 17 32.66 13.71 12.74
C LYS D 17 33.69 13.95 11.64
N ASP D 18 34.97 13.78 11.99
CA ASP D 18 36.06 14.02 11.05
C ASP D 18 37.07 12.87 11.14
N GLN D 19 37.27 12.11 10.07
CA GLN D 19 38.26 11.03 10.11
C GLN D 19 39.67 11.54 9.96
N GLY D 20 39.83 12.75 9.42
CA GLY D 20 41.17 13.35 9.27
C GLY D 20 41.93 12.58 8.19
N GLN D 21 43.21 12.30 8.45
CA GLN D 21 44.12 11.79 7.44
C GLN D 21 44.40 10.29 7.63
N CYS D 22 43.32 9.52 7.61
CA CYS D 22 43.36 8.13 7.98
C CYS D 22 42.22 7.47 7.23
N GLY D 23 42.47 6.28 6.72
CA GLY D 23 41.46 5.56 5.94
C GLY D 23 40.50 4.75 6.79
N SER D 24 40.01 5.35 7.87
CA SER D 24 39.14 4.67 8.80
C SER D 24 37.69 4.93 8.48
N CYS D 25 37.34 5.12 7.21
CA CYS D 25 35.95 5.37 6.86
C CYS D 25 35.05 4.25 7.34
N TRP D 26 35.46 3.02 7.13
CA TRP D 26 34.71 1.80 7.58
C TRP D 26 34.32 1.86 9.07
N ALA D 27 35.24 2.38 9.90
CA ALA D 27 34.98 2.49 11.32
C ALA D 27 33.89 3.51 11.60
N PHE D 28 33.96 4.68 10.97
CA PHE D 28 32.93 5.73 11.17
C PHE D 28 31.57 5.28 10.72
N SER D 29 31.54 4.66 9.55
CA SER D 29 30.33 3.98 9.07
C SER D 29 29.79 2.98 10.10
N ALA D 30 30.63 2.04 10.53
CA ALA D 30 30.20 1.06 11.55
C ALA D 30 29.74 1.66 12.87
N ILE D 31 30.53 2.57 13.41
CA ILE D 31 30.17 3.17 14.69
C ILE D 31 28.90 4.04 14.62
N GLY D 32 28.74 4.73 13.50
CA GLY D 32 27.54 5.52 13.30
C GLY D 32 26.28 4.70 13.41
N ASN D 33 26.24 3.57 12.69
CA ASN D 33 25.13 2.61 12.73
C ASN D 33 24.83 2.22 14.14
N VAL D 34 25.89 2.06 14.94
CA VAL D 34 25.72 1.50 16.26
C VAL D 34 25.12 2.50 17.16
N GLU D 35 25.70 3.68 17.15
CA GLU D 35 25.17 4.85 17.86
C GLU D 35 23.66 5.00 17.64
N CYS D 36 23.24 4.87 16.40
CA CYS D 36 21.82 5.04 16.07
C CYS D 36 20.98 3.89 16.56
N GLN D 37 21.41 2.66 16.28
CA GLN D 37 20.75 1.47 16.84
C GLN D 37 20.66 1.47 18.41
N TRP D 38 21.70 1.96 19.10
CA TRP D 38 21.68 1.98 20.56
C TRP D 38 20.58 2.92 21.02
N PHE D 39 20.52 4.10 20.38
CA PHE D 39 19.49 5.07 20.66
C PHE D 39 18.12 4.53 20.34
N LEU D 40 17.95 3.98 19.15
CA LEU D 40 16.64 3.39 18.80
C LEU D 40 16.23 2.24 19.68
N ALA D 41 17.19 1.64 20.38
CA ALA D 41 16.88 0.59 21.33
C ALA D 41 16.41 1.14 22.69
N GLY D 42 16.40 2.48 22.82
CA GLY D 42 15.85 3.15 24.01
C GLY D 42 16.87 3.75 24.96
N HIS D 43 18.11 3.92 24.50
CA HIS D 43 19.21 4.42 25.38
C HIS D 43 19.71 5.75 24.81
N PRO D 44 20.32 6.59 25.64
CA PRO D 44 20.78 7.89 25.20
C PRO D 44 21.57 7.84 23.93
N LEU D 45 21.46 8.92 23.16
CA LEU D 45 22.29 9.18 22.00
C LEU D 45 23.64 9.47 22.58
N THR D 46 24.64 8.74 22.08
CA THR D 46 25.98 8.70 22.65
C THR D 46 26.99 8.56 21.53
N ASN D 47 28.09 9.28 21.67
CA ASN D 47 29.13 9.20 20.70
C ASN D 47 29.94 8.00 21.06
N LEU D 48 30.17 7.14 20.08
CA LEU D 48 30.94 5.93 20.33
C LEU D 48 32.27 6.00 19.56
N SER D 49 33.11 4.99 19.73
CA SER D 49 34.55 5.14 19.49
C SER D 49 35.03 4.44 18.22
N GLU D 50 35.35 5.24 17.24
CA GLU D 50 35.98 4.72 16.06
C GLU D 50 37.38 4.22 16.39
N GLN D 51 38.05 4.90 17.32
CA GLN D 51 39.43 4.51 17.66
C GLN D 51 39.50 3.07 18.18
N MET D 52 38.49 2.64 18.93
CA MET D 52 38.44 1.27 19.37
C MET D 52 38.76 0.39 18.17
N LEU D 53 38.01 0.55 17.09
CA LEU D 53 38.17 -0.36 15.95
C LEU D 53 39.51 -0.14 15.26
N VAL D 54 39.87 1.12 15.02
CA VAL D 54 41.11 1.40 14.30
C VAL D 54 42.20 0.66 15.00
N SER D 55 42.22 0.78 16.32
CA SER D 55 43.31 0.28 17.14
C SER D 55 43.18 -1.19 17.58
N CYS D 56 41.96 -1.70 17.68
CA CYS D 56 41.73 -3.02 18.30
C CYS D 56 41.31 -4.11 17.31
N ASP D 57 40.62 -3.75 16.24
CA ASP D 57 40.04 -4.74 15.36
C ASP D 57 41.07 -5.21 14.34
N LYS D 58 41.57 -6.42 14.52
CA LYS D 58 42.68 -6.93 13.73
C LYS D 58 42.27 -7.62 12.46
N THR D 59 40.99 -7.96 12.30
CA THR D 59 40.54 -8.46 10.99
C THR D 59 40.67 -7.32 10.00
N ASP D 60 40.22 -6.14 10.38
CA ASP D 60 40.43 -4.96 9.55
C ASP D 60 41.85 -4.40 9.75
N SER D 61 42.19 -3.35 8.99
CA SER D 61 43.57 -2.84 8.92
C SER D 61 43.75 -1.35 9.30
N GLY D 62 43.06 -0.90 10.35
CA GLY D 62 43.27 0.46 10.85
C GLY D 62 43.17 1.57 9.79
N CYS D 63 44.22 2.36 9.62
CA CYS D 63 44.18 3.48 8.69
C CYS D 63 44.40 3.12 7.25
N SER D 64 44.73 1.85 6.98
CA SER D 64 44.82 1.34 5.60
C SER D 64 43.50 0.78 5.09
N GLY D 65 42.47 0.66 5.93
CA GLY D 65 41.15 0.26 5.47
C GLY D 65 40.49 -0.84 6.27
N GLY D 66 39.26 -1.19 5.89
CA GLY D 66 38.47 -2.22 6.60
C GLY D 66 37.07 -2.34 6.03
N LEU D 67 36.22 -3.21 6.59
CA LEU D 67 34.81 -3.36 6.22
C LEU D 67 33.90 -3.36 7.44
N MET D 68 32.74 -2.74 7.27
CA MET D 68 31.83 -2.54 8.35
C MET D 68 31.40 -3.91 8.92
N ASN D 69 31.13 -4.83 8.01
CA ASN D 69 30.79 -6.22 8.34
C ASN D 69 31.74 -6.93 9.24
N ASN D 70 33.02 -6.94 8.87
CA ASN D 70 34.10 -7.46 9.72
C ASN D 70 34.10 -6.76 11.06
N ALA D 71 33.90 -5.48 11.06
CA ALA D 71 33.92 -4.75 12.29
C ALA D 71 32.78 -5.20 13.22
N PHE D 72 31.59 -5.34 12.67
CA PHE D 72 30.46 -5.82 13.51
C PHE D 72 30.74 -7.20 14.04
N GLU D 73 31.35 -8.04 13.19
CA GLU D 73 31.73 -9.38 13.56
C GLU D 73 32.78 -9.38 14.64
N TRP D 74 33.78 -8.51 14.51
CA TRP D 74 34.78 -8.38 15.52
C TRP D 74 34.12 -7.92 16.82
N ILE D 75 33.28 -6.94 16.78
CA ILE D 75 32.74 -6.45 18.02
C ILE D 75 32.09 -7.55 18.81
N VAL D 76 31.34 -8.39 18.12
CA VAL D 76 30.65 -9.49 18.75
C VAL D 76 31.55 -10.71 19.03
N GLN D 77 32.24 -11.22 18.03
CA GLN D 77 33.05 -12.45 18.21
C GLN D 77 34.36 -12.27 19.04
N GLU D 78 34.90 -11.07 19.21
CA GLU D 78 36.17 -10.93 19.94
C GLU D 78 36.12 -9.87 21.03
N ASN D 79 35.05 -9.08 21.06
CA ASN D 79 34.98 -7.92 21.94
C ASN D 79 33.77 -7.96 22.85
N ASN D 80 33.13 -9.12 22.95
CA ASN D 80 32.04 -9.38 23.88
C ASN D 80 30.84 -8.47 23.59
N GLY D 81 30.76 -8.00 22.36
CA GLY D 81 29.71 -7.06 21.96
C GLY D 81 29.98 -5.62 22.35
N ALA D 82 31.08 -5.33 23.04
CA ALA D 82 31.30 -3.98 23.56
C ALA D 82 31.74 -3.01 22.51
N VAL D 83 31.11 -1.84 22.56
CA VAL D 83 31.57 -0.68 21.82
C VAL D 83 31.68 0.50 22.77
N TYR D 84 32.91 0.96 22.94
CA TYR D 84 33.24 1.95 23.96
C TYR D 84 32.73 3.37 23.67
N THR D 85 32.66 4.21 24.69
CA THR D 85 32.34 5.61 24.40
C THR D 85 33.53 6.28 23.74
N GLU D 86 33.27 7.25 22.88
CA GLU D 86 34.29 8.21 22.42
C GLU D 86 35.00 9.01 23.54
N ASP D 87 34.26 9.55 24.51
CA ASP D 87 34.90 10.25 25.66
C ASP D 87 35.88 9.35 26.41
N SER D 88 35.47 8.12 26.63
CA SER D 88 36.35 7.09 27.15
C SER D 88 37.53 6.73 26.24
N TYR D 89 37.36 6.68 24.91
CA TYR D 89 38.43 6.18 23.98
C TYR D 89 38.48 7.03 22.68
N PRO D 90 39.12 8.21 22.74
CA PRO D 90 38.88 9.22 21.71
C PRO D 90 39.70 9.09 20.45
N TYR D 91 39.24 9.76 19.40
CA TYR D 91 39.89 9.66 18.13
C TYR D 91 41.27 10.30 18.24
N ALA D 92 42.30 9.55 17.85
CA ALA D 92 43.70 10.01 17.89
C ALA D 92 44.47 9.68 16.60
N SER D 93 43.76 9.07 15.65
CA SER D 93 44.36 8.69 14.38
C SER D 93 44.20 9.74 13.30
N GLY D 94 43.86 10.99 13.68
CA GLY D 94 43.60 12.10 12.73
C GLY D 94 44.81 12.48 11.91
N GLU D 95 46.00 12.24 12.47
CA GLU D 95 47.27 12.39 11.76
CA GLU D 95 47.22 12.43 11.67
C GLU D 95 47.69 11.07 11.11
N GLY D 96 46.76 10.12 10.98
CA GLY D 96 47.07 8.82 10.40
C GLY D 96 48.06 7.94 11.16
N ILE D 97 48.18 8.15 12.49
CA ILE D 97 49.04 7.38 13.41
C ILE D 97 48.27 6.74 14.58
N SER D 98 47.98 5.44 14.51
CA SER D 98 47.09 4.80 15.49
C SER D 98 47.80 4.25 16.72
N PRO D 99 47.36 4.63 17.93
CA PRO D 99 47.89 3.99 19.14
C PRO D 99 47.43 2.51 19.32
N PRO D 100 48.09 1.71 20.20
CA PRO D 100 47.74 0.29 20.44
C PRO D 100 46.41 0.10 21.19
N CYS D 101 45.91 -1.13 21.31
CA CYS D 101 44.77 -1.32 22.21
C CYS D 101 45.17 -1.07 23.62
N THR D 102 44.18 -0.62 24.36
CA THR D 102 44.20 -0.74 25.79
C THR D 102 42.85 -1.34 26.15
N THR D 103 42.83 -2.06 27.27
CA THR D 103 41.60 -2.60 27.84
C THR D 103 41.61 -2.20 29.29
N SER D 104 42.06 -0.98 29.55
CA SER D 104 42.33 -0.50 30.88
C SER D 104 41.20 0.43 31.31
N GLY D 105 40.01 -0.11 31.43
CA GLY D 105 38.92 0.60 32.10
C GLY D 105 38.15 1.55 31.22
N HIS D 106 37.90 1.18 29.98
CA HIS D 106 37.15 2.02 29.09
C HIS D 106 35.70 1.76 29.36
N THR D 107 34.85 2.68 28.93
CA THR D 107 33.44 2.64 29.23
C THR D 107 32.66 2.09 28.07
N VAL D 108 31.80 1.13 28.41
CA VAL D 108 31.01 0.50 27.39
C VAL D 108 29.91 1.47 27.17
N GLY D 109 29.93 2.09 26.00
CA GLY D 109 28.83 2.96 25.54
C GLY D 109 27.68 2.23 24.87
N ALA D 110 27.91 1.01 24.41
CA ALA D 110 26.86 0.20 23.80
C ALA D 110 27.24 -1.28 23.75
N THR D 111 26.23 -2.16 23.80
CA THR D 111 26.42 -3.60 23.74
C THR D 111 25.58 -4.18 22.59
N ILE D 112 26.22 -4.72 21.56
CA ILE D 112 25.50 -5.31 20.43
C ILE D 112 25.65 -6.80 20.47
N THR D 113 24.66 -7.51 19.97
CA THR D 113 24.70 -8.95 19.91
C THR D 113 24.82 -9.52 18.51
N GLY D 114 24.89 -8.72 17.46
CA GLY D 114 25.01 -9.29 16.11
C GLY D 114 24.98 -8.25 15.03
N HIS D 115 24.74 -8.66 13.81
CA HIS D 115 24.51 -7.74 12.72
C HIS D 115 23.82 -8.45 11.59
N VAL D 116 23.24 -7.68 10.67
CA VAL D 116 22.54 -8.26 9.54
C VAL D 116 23.03 -7.66 8.25
N GLU D 117 22.77 -8.37 7.16
CA GLU D 117 23.06 -7.90 5.81
C GLU D 117 21.71 -7.59 5.16
N LEU D 118 21.62 -6.54 4.34
CA LEU D 118 20.39 -6.29 3.61
C LEU D 118 20.59 -6.62 2.13
N PRO D 119 19.50 -7.02 1.46
CA PRO D 119 19.66 -7.42 0.08
C PRO D 119 20.22 -6.28 -0.81
N GLN D 120 20.62 -6.62 -2.01
CA GLN D 120 21.21 -5.64 -2.91
C GLN D 120 20.12 -5.08 -3.73
N ASP D 121 19.21 -4.43 -3.02
CA ASP D 121 17.99 -3.90 -3.61
C ASP D 121 17.66 -2.63 -2.83
N GLU D 122 17.58 -1.52 -3.53
CA GLU D 122 17.40 -0.21 -2.88
C GLU D 122 16.04 -0.11 -2.16
N ALA D 123 15.00 -0.73 -2.74
CA ALA D 123 13.69 -0.69 -2.13
C ALA D 123 13.68 -1.46 -0.82
N GLN D 124 14.35 -2.61 -0.79
CA GLN D 124 14.35 -3.42 0.44
C GLN D 124 15.19 -2.78 1.53
N ILE D 125 16.25 -2.10 1.12
CA ILE D 125 17.06 -1.35 2.07
C ILE D 125 16.26 -0.22 2.69
N ALA D 126 15.50 0.46 1.85
CA ALA D 126 14.65 1.56 2.30
C ALA D 126 13.66 1.03 3.31
N ALA D 127 12.99 -0.05 2.94
CA ALA D 127 12.01 -0.65 3.83
C ALA D 127 12.60 -0.99 5.22
N TRP D 128 13.80 -1.54 5.26
CA TRP D 128 14.40 -1.90 6.52
C TRP D 128 14.66 -0.63 7.30
N LEU D 129 15.21 0.34 6.57
CA LEU D 129 15.66 1.59 7.13
C LEU D 129 14.54 2.41 7.72
N ALA D 130 13.40 2.36 7.07
CA ALA D 130 12.21 3.03 7.56
C ALA D 130 11.78 2.54 8.93
N VAL D 131 11.96 1.26 9.21
CA VAL D 131 11.50 0.64 10.44
C VAL D 131 12.59 0.64 11.51
N ASN D 132 13.85 0.39 11.12
CA ASN D 132 14.86 0.04 12.08
C ASN D 132 16.08 0.96 12.19
N GLY D 133 16.17 1.96 11.29
CA GLY D 133 17.13 3.06 11.49
C GLY D 133 18.23 3.11 10.46
N PRO D 134 19.20 3.99 10.68
CA PRO D 134 20.27 4.19 9.75
C PRO D 134 21.08 2.92 9.50
N VAL D 135 21.50 2.78 8.24
CA VAL D 135 22.12 1.60 7.73
C VAL D 135 23.53 1.92 7.21
N ALA D 136 24.51 1.05 7.46
CA ALA D 136 25.86 1.21 6.96
C ALA D 136 25.86 0.74 5.53
N VAL D 137 26.40 1.56 4.65
CA VAL D 137 26.57 1.17 3.25
C VAL D 137 27.93 1.56 2.75
N ALA D 138 28.31 0.98 1.61
CA ALA D 138 29.57 1.23 0.99
C ALA D 138 29.26 1.79 -0.39
N VAL D 139 30.08 2.76 -0.80
CA VAL D 139 29.91 3.48 -2.04
C VAL D 139 31.25 3.64 -2.73
N ASP D 140 31.19 3.92 -4.03
CA ASP D 140 32.29 4.57 -4.76
C ASP D 140 32.21 6.06 -4.53
N ALA D 141 33.11 6.59 -3.70
CA ALA D 141 33.20 8.02 -3.46
C ALA D 141 34.28 8.71 -4.32
N SER D 142 34.75 8.07 -5.37
CA SER D 142 35.86 8.70 -6.11
C SER D 142 35.44 10.06 -6.68
N SER D 143 34.15 10.26 -6.97
CA SER D 143 33.71 11.52 -7.56
C SER D 143 33.15 12.49 -6.53
N TRP D 144 33.46 12.26 -5.26
CA TRP D 144 32.86 12.98 -4.13
C TRP D 144 33.70 14.14 -3.60
N MET D 145 34.93 14.26 -4.05
CA MET D 145 35.79 15.30 -3.50
C MET D 145 35.23 16.69 -3.92
N THR D 146 34.66 16.76 -5.13
CA THR D 146 34.07 18.02 -5.65
C THR D 146 32.68 18.40 -5.09
N TYR D 147 32.00 17.52 -4.36
CA TYR D 147 30.63 17.80 -3.95
C TYR D 147 30.47 19.02 -3.03
N THR D 148 29.62 19.96 -3.44
CA THR D 148 29.24 21.09 -2.59
C THR D 148 27.79 21.13 -2.15
N GLY D 149 26.94 20.39 -2.86
CA GLY D 149 25.53 20.23 -2.50
C GLY D 149 24.67 19.80 -3.67
N GLY D 150 23.39 19.61 -3.41
CA GLY D 150 22.48 19.11 -4.43
C GLY D 150 22.37 17.60 -4.40
N VAL D 151 21.45 17.10 -5.22
CA VAL D 151 21.21 15.68 -5.36
C VAL D 151 22.11 15.18 -6.48
N MET D 152 23.14 14.41 -6.15
CA MET D 152 24.06 13.84 -7.13
C MET D 152 23.37 12.81 -8.00
N THR D 153 23.54 12.92 -9.33
CA THR D 153 22.89 12.03 -10.29
C THR D 153 23.80 11.39 -11.33
N SER D 154 25.09 11.73 -11.35
CA SER D 154 26.00 11.08 -12.31
C SER D 154 27.28 10.62 -11.63
N CYS D 155 27.12 10.10 -10.41
CA CYS D 155 28.16 9.49 -9.60
C CYS D 155 28.88 8.38 -10.33
N VAL D 156 30.20 8.43 -10.31
CA VAL D 156 30.99 7.31 -10.80
C VAL D 156 30.63 6.09 -9.93
N SER D 157 30.11 5.04 -10.58
CA SER D 157 29.51 3.90 -9.90
C SER D 157 30.24 2.64 -10.34
N GLU D 158 31.48 2.49 -9.85
CA GLU D 158 32.47 1.63 -10.52
C GLU D 158 33.28 0.64 -9.61
N GLN D 159 33.56 1.04 -8.38
CA GLN D 159 34.43 0.29 -7.50
C GLN D 159 34.25 0.82 -6.08
N LEU D 160 33.68 0.03 -5.19
CA LEU D 160 33.50 0.47 -3.80
C LEU D 160 34.81 0.86 -3.17
N ASP D 161 34.91 2.07 -2.62
CA ASP D 161 36.15 2.49 -1.97
C ASP D 161 35.97 3.21 -0.63
N HIS D 162 34.71 3.38 -0.18
CA HIS D 162 34.37 4.25 0.98
C HIS D 162 33.16 3.69 1.75
N GLY D 163 33.05 4.07 3.03
CA GLY D 163 31.92 3.68 3.87
C GLY D 163 31.26 4.85 4.55
N VAL D 164 29.93 4.81 4.58
CA VAL D 164 29.12 5.91 5.11
C VAL D 164 27.84 5.35 5.69
N LEU D 165 26.98 6.22 6.20
CA LEU D 165 25.73 5.82 6.88
C LEU D 165 24.51 6.38 6.19
N LEU D 166 23.61 5.54 5.73
CA LEU D 166 22.35 6.05 5.15
C LEU D 166 21.50 6.43 6.30
N VAL D 167 20.96 7.64 6.35
CA VAL D 167 20.08 7.99 7.46
C VAL D 167 18.67 8.37 7.03
N GLY D 168 18.40 8.42 5.73
CA GLY D 168 17.07 8.74 5.28
C GLY D 168 16.92 8.69 3.78
N TYR D 169 15.70 8.93 3.31
CA TYR D 169 15.41 8.98 1.87
C TYR D 169 14.23 9.89 1.74
N ASN D 170 13.98 10.34 0.51
CA ASN D 170 12.78 11.12 0.17
C ASN D 170 12.30 10.73 -1.23
N ASP D 171 11.25 9.91 -1.30
CA ASP D 171 10.66 9.53 -2.61
C ASP D 171 9.63 10.53 -3.16
N SER D 172 9.33 11.60 -2.44
CA SER D 172 8.36 12.61 -2.90
C SER D 172 8.94 13.64 -3.85
N ALA D 173 10.25 13.88 -3.74
CA ALA D 173 10.89 14.98 -4.45
C ALA D 173 11.01 14.68 -5.92
N ALA D 174 11.20 15.74 -6.71
CA ALA D 174 11.26 15.66 -8.15
C ALA D 174 12.23 14.56 -8.55
N VAL D 175 13.41 14.60 -7.90
CA VAL D 175 14.40 13.53 -8.02
C VAL D 175 14.56 12.88 -6.66
N PRO D 176 13.95 11.69 -6.48
CA PRO D 176 14.04 10.92 -5.25
C PRO D 176 15.49 10.67 -4.88
N TYR D 177 15.79 10.75 -3.58
CA TYR D 177 17.18 10.71 -3.13
C TYR D 177 17.31 10.02 -1.77
N TRP D 178 18.51 9.51 -1.55
CA TRP D 178 18.97 9.02 -0.25
C TRP D 178 19.64 10.18 0.44
N ILE D 179 19.56 10.21 1.77
CA ILE D 179 20.34 11.15 2.62
C ILE D 179 21.45 10.33 3.26
N ILE D 180 22.68 10.85 3.32
CA ILE D 180 23.85 10.14 3.83
C ILE D 180 24.80 10.99 4.70
N LYS D 181 25.10 10.51 5.89
CA LYS D 181 26.06 11.15 6.79
C LYS D 181 27.46 10.72 6.37
N ASN D 182 28.33 11.68 6.12
CA ASN D 182 29.72 11.39 5.85
C ASN D 182 30.52 11.73 7.06
N SER D 183 31.83 11.64 6.92
CA SER D 183 32.75 11.73 8.03
C SER D 183 33.97 12.57 7.66
N TRP D 184 33.76 13.56 6.82
CA TRP D 184 34.81 14.51 6.41
C TRP D 184 34.50 15.92 6.89
N THR D 185 33.92 16.06 8.09
CA THR D 185 33.55 17.37 8.70
C THR D 185 32.35 18.00 8.10
N THR D 186 31.76 18.98 8.81
CA THR D 186 30.59 19.70 8.28
C THR D 186 30.93 20.72 7.20
N GLN D 187 32.21 21.02 7.05
CA GLN D 187 32.70 21.88 5.96
C GLN D 187 32.55 21.18 4.57
N TRP D 188 32.32 19.87 4.53
CA TRP D 188 32.17 19.13 3.30
C TRP D 188 30.70 18.98 3.04
N GLY D 189 30.32 19.03 1.77
CA GLY D 189 28.94 18.75 1.36
C GLY D 189 27.95 19.73 1.93
N GLU D 190 26.79 19.22 2.25
CA GLU D 190 25.71 19.93 2.88
C GLU D 190 25.84 19.73 4.39
N GLU D 191 26.71 20.51 5.00
CA GLU D 191 26.94 20.41 6.44
C GLU D 191 27.36 18.98 6.76
N GLY D 192 28.18 18.41 5.86
CA GLY D 192 28.75 17.11 6.07
C GLY D 192 27.94 15.92 5.57
N TYR D 193 26.74 16.19 5.05
CA TYR D 193 25.86 15.20 4.46
C TYR D 193 25.90 15.26 2.97
N ILE D 194 25.22 14.33 2.33
CA ILE D 194 25.12 14.32 0.88
C ILE D 194 23.87 13.58 0.51
N ARG D 195 23.24 14.04 -0.54
CA ARG D 195 22.11 13.38 -1.14
C ARG D 195 22.51 12.84 -2.49
N ILE D 196 22.25 11.57 -2.71
CA ILE D 196 22.43 10.98 -4.03
C ILE D 196 21.09 10.45 -4.53
N ALA D 197 20.87 10.38 -5.83
CA ALA D 197 19.57 9.93 -6.34
C ALA D 197 19.40 8.51 -5.92
N LYS D 198 18.14 8.12 -5.77
CA LYS D 198 17.72 6.82 -5.29
C LYS D 198 16.91 6.08 -6.33
N GLY D 199 17.29 4.84 -6.59
CA GLY D 199 16.57 3.98 -7.53
C GLY D 199 17.37 3.64 -8.78
N SER D 200 18.55 4.26 -8.95
CA SER D 200 19.42 4.00 -10.08
C SER D 200 20.77 3.40 -9.64
N ASN D 201 20.87 2.98 -8.38
CA ASN D 201 22.11 2.45 -7.80
C ASN D 201 23.32 3.35 -7.97
N GLN D 202 23.12 4.62 -7.66
CA GLN D 202 24.19 5.62 -7.63
C GLN D 202 25.28 5.22 -6.66
N CYS D 203 26.52 5.37 -7.09
CA CYS D 203 27.67 5.11 -6.23
C CYS D 203 27.70 3.68 -5.69
N LEU D 204 27.05 2.76 -6.41
CA LEU D 204 26.91 1.36 -5.98
C LEU D 204 26.37 1.21 -4.52
N VAL D 205 25.45 2.09 -4.13
CA VAL D 205 25.00 2.21 -2.74
C VAL D 205 24.21 1.02 -2.20
N LYS D 206 23.69 0.18 -3.09
CA LYS D 206 22.97 -1.00 -2.65
C LYS D 206 23.88 -2.20 -2.51
N GLU D 207 25.14 -2.12 -2.91
CA GLU D 207 25.88 -3.36 -3.10
CA GLU D 207 25.95 -3.33 -3.09
C GLU D 207 26.31 -4.02 -1.78
N GLU D 208 26.65 -3.22 -0.76
CA GLU D 208 27.13 -3.75 0.48
C GLU D 208 26.51 -3.08 1.71
N ALA D 209 25.20 -3.28 1.89
CA ALA D 209 24.50 -2.67 3.05
C ALA D 209 24.31 -3.61 4.25
N SER D 210 24.49 -3.11 5.48
CA SER D 210 24.36 -3.92 6.70
C SER D 210 24.03 -3.07 7.96
N SER D 211 23.65 -3.73 9.07
CA SER D 211 23.40 -3.03 10.34
C SER D 211 23.69 -3.93 11.56
N ALA D 212 24.37 -3.35 12.54
CA ALA D 212 24.54 -3.97 13.82
C ALA D 212 23.17 -4.26 14.40
N VAL D 213 23.09 -5.25 15.27
CA VAL D 213 21.84 -5.59 15.96
C VAL D 213 22.10 -5.45 17.44
N VAL D 214 21.30 -4.63 18.10
CA VAL D 214 21.28 -4.56 19.56
C VAL D 214 20.33 -5.62 20.01
N GLY D 215 20.62 -6.25 21.12
CA GLY D 215 19.84 -7.42 21.53
C GLY D 215 18.42 -7.15 21.97
N ALA E 1 -16.83 -11.24 -2.34
CA ALA E 1 -15.47 -11.52 -2.86
C ALA E 1 -15.62 -12.24 -4.21
N PRO E 2 -14.51 -12.48 -4.91
CA PRO E 2 -14.73 -13.26 -6.10
C PRO E 2 -15.08 -14.73 -5.77
N ALA E 3 -15.52 -15.41 -6.81
CA ALA E 3 -15.93 -16.79 -6.73
C ALA E 3 -14.76 -17.77 -6.55
N ALA E 4 -13.59 -17.44 -7.09
CA ALA E 4 -12.42 -18.28 -6.94
C ALA E 4 -11.18 -17.41 -6.76
N VAL E 5 -10.19 -17.92 -6.06
CA VAL E 5 -8.97 -17.17 -5.80
C VAL E 5 -7.87 -18.19 -5.64
N ASP E 6 -6.77 -17.98 -6.31
CA ASP E 6 -5.63 -18.82 -6.13
C ASP E 6 -4.43 -17.96 -6.36
N TRP E 7 -3.75 -17.63 -5.27
CA TRP E 7 -2.60 -16.74 -5.35
C TRP E 7 -1.39 -17.31 -6.01
N ARG E 8 -1.38 -18.60 -6.25
CA ARG E 8 -0.35 -19.17 -7.10
C ARG E 8 -0.36 -18.65 -8.50
N ALA E 9 -1.51 -18.20 -8.98
CA ALA E 9 -1.64 -17.74 -10.40
C ALA E 9 -0.96 -16.36 -10.62
N ARG E 10 -0.67 -15.68 -9.50
CA ARG E 10 -0.05 -14.38 -9.52
CA ARG E 10 -0.03 -14.38 -9.48
C ARG E 10 1.43 -14.59 -9.14
N GLY E 11 1.83 -15.86 -9.06
CA GLY E 11 3.17 -16.22 -8.67
C GLY E 11 3.58 -15.73 -7.31
N ALA E 12 2.62 -15.66 -6.41
CA ALA E 12 2.86 -15.17 -5.03
C ALA E 12 3.26 -16.22 -4.01
N VAL E 13 3.45 -17.45 -4.45
CA VAL E 13 3.68 -18.56 -3.51
C VAL E 13 4.91 -19.36 -3.93
N THR E 14 5.79 -19.62 -2.97
CA THR E 14 6.94 -20.46 -3.21
C THR E 14 6.61 -21.97 -3.37
N ALA E 15 7.52 -22.68 -4.03
CA ALA E 15 7.57 -24.16 -4.03
C ALA E 15 7.27 -24.79 -2.68
N VAL E 16 6.69 -25.98 -2.76
CA VAL E 16 6.43 -26.76 -1.58
C VAL E 16 7.75 -27.30 -0.94
N LYS E 17 7.76 -27.24 0.39
CA LYS E 17 8.92 -27.55 1.19
C LYS E 17 8.65 -28.80 2.04
N ASP E 18 9.68 -29.20 2.80
CA ASP E 18 9.72 -30.45 3.57
C ASP E 18 10.20 -30.20 4.99
N GLN E 19 9.28 -30.22 5.95
CA GLN E 19 9.67 -30.10 7.37
C GLN E 19 10.47 -31.27 7.94
N GLY E 20 10.46 -32.41 7.25
CA GLY E 20 11.27 -33.53 7.64
C GLY E 20 10.67 -34.14 8.88
N GLN E 21 11.51 -34.68 9.76
CA GLN E 21 11.01 -35.24 11.03
C GLN E 21 11.22 -34.23 12.16
N CYS E 22 10.43 -33.17 12.14
CA CYS E 22 10.58 -32.10 13.10
C CYS E 22 9.23 -31.48 13.14
N GLY E 23 8.72 -31.21 14.33
CA GLY E 23 7.41 -30.57 14.47
C GLY E 23 7.45 -29.06 14.31
N SER E 24 7.85 -28.63 13.11
CA SER E 24 8.09 -27.23 12.80
C SER E 24 7.04 -26.77 11.86
N CYS E 25 5.90 -27.46 11.80
CA CYS E 25 4.82 -27.06 10.90
C CYS E 25 4.50 -25.56 11.03
N TRP E 26 4.47 -25.10 12.27
CA TRP E 26 4.12 -23.76 12.59
C TRP E 26 5.08 -22.75 11.97
N ALA E 27 6.34 -23.09 11.85
CA ALA E 27 7.28 -22.16 11.25
C ALA E 27 7.06 -22.14 9.74
N PHE E 28 6.73 -23.27 9.16
CA PHE E 28 6.45 -23.30 7.74
C PHE E 28 5.20 -22.51 7.37
N SER E 29 4.19 -22.56 8.24
CA SER E 29 2.97 -21.78 8.07
C SER E 29 3.28 -20.29 8.16
N ALA E 30 3.94 -19.88 9.25
CA ALA E 30 4.21 -18.49 9.43
C ALA E 30 5.10 -17.92 8.31
N ILE E 31 6.18 -18.62 7.98
CA ILE E 31 7.11 -18.15 6.96
C ILE E 31 6.42 -18.11 5.61
N GLY E 32 5.66 -19.14 5.29
CA GLY E 32 4.91 -19.17 4.04
C GLY E 32 4.06 -17.94 3.88
N ASN E 33 3.42 -17.56 4.99
CA ASN E 33 2.56 -16.41 4.99
C ASN E 33 3.30 -15.10 4.71
N VAL E 34 4.47 -14.93 5.33
CA VAL E 34 5.34 -13.76 5.19
C VAL E 34 5.86 -13.62 3.77
N GLU E 35 6.44 -14.71 3.27
CA GLU E 35 6.92 -14.80 1.88
C GLU E 35 5.93 -14.22 0.95
N CYS E 36 4.66 -14.56 1.10
CA CYS E 36 3.65 -14.07 0.19
C CYS E 36 3.35 -12.58 0.35
N GLN E 37 3.29 -12.12 1.59
CA GLN E 37 3.08 -10.73 1.86
C GLN E 37 4.21 -9.86 1.28
N TRP E 38 5.44 -10.31 1.37
CA TRP E 38 6.61 -9.58 0.82
C TRP E 38 6.52 -9.49 -0.66
N PHE E 39 6.26 -10.61 -1.31
CA PHE E 39 6.00 -10.55 -2.73
C PHE E 39 4.89 -9.54 -3.01
N LEU E 40 3.81 -9.59 -2.23
CA LEU E 40 2.61 -8.81 -2.58
C LEU E 40 2.74 -7.38 -2.21
N ALA E 41 3.75 -7.04 -1.43
CA ALA E 41 4.06 -5.62 -1.18
C ALA E 41 4.95 -5.04 -2.27
N GLY E 42 5.26 -5.80 -3.31
CA GLY E 42 6.05 -5.30 -4.44
C GLY E 42 7.51 -5.75 -4.45
N HIS E 43 7.88 -6.71 -3.61
CA HIS E 43 9.25 -7.24 -3.61
C HIS E 43 9.41 -8.60 -4.31
N PRO E 44 10.64 -8.99 -4.62
CA PRO E 44 10.77 -10.26 -5.35
C PRO E 44 10.33 -11.44 -4.47
N LEU E 45 9.74 -12.47 -5.09
CA LEU E 45 9.37 -13.69 -4.33
C LEU E 45 10.61 -14.37 -3.79
N THR E 46 10.72 -14.45 -2.50
CA THR E 46 11.96 -14.91 -1.88
C THR E 46 11.68 -16.05 -0.91
N ASN E 47 12.51 -17.09 -0.93
CA ASN E 47 12.42 -18.17 0.06
C ASN E 47 12.96 -17.66 1.38
N LEU E 48 12.15 -17.78 2.43
CA LEU E 48 12.49 -17.28 3.75
C LEU E 48 12.79 -18.47 4.67
N SER E 49 13.37 -18.15 5.85
CA SER E 49 13.99 -19.12 6.75
C SER E 49 13.09 -19.65 7.88
N GLU E 50 12.61 -20.89 7.74
CA GLU E 50 11.94 -21.57 8.84
C GLU E 50 12.93 -21.86 9.96
N GLN E 51 14.13 -22.26 9.59
CA GLN E 51 15.20 -22.46 10.55
C GLN E 51 15.41 -21.33 11.54
N MET E 52 15.44 -20.10 11.04
CA MET E 52 15.47 -18.91 11.88
C MET E 52 14.57 -19.02 13.12
N LEU E 53 13.31 -19.37 12.90
CA LEU E 53 12.38 -19.47 14.00
C LEU E 53 12.59 -20.72 14.81
N VAL E 54 12.96 -21.80 14.14
CA VAL E 54 13.17 -23.06 14.85
C VAL E 54 14.35 -22.94 15.83
N SER E 55 15.44 -22.32 15.42
CA SER E 55 16.60 -22.21 16.28
C SER E 55 16.57 -21.00 17.21
N CYS E 56 15.83 -19.95 16.86
CA CYS E 56 15.91 -18.64 17.53
C CYS E 56 14.70 -18.18 18.34
N ASP E 57 13.51 -18.55 17.93
CA ASP E 57 12.31 -18.13 18.66
C ASP E 57 12.22 -18.99 19.91
N LYS E 58 12.33 -18.36 21.07
CA LYS E 58 12.25 -19.14 22.30
C LYS E 58 10.89 -19.08 22.97
N THR E 59 9.94 -18.35 22.42
CA THR E 59 8.63 -18.41 23.04
C THR E 59 7.94 -19.68 22.53
N ASP E 60 8.19 -20.01 21.27
CA ASP E 60 7.86 -21.33 20.71
C ASP E 60 8.93 -22.39 21.07
N SER E 61 8.78 -23.64 20.59
CA SER E 61 9.61 -24.75 21.09
C SER E 61 10.17 -25.67 20.01
N GLY E 62 10.64 -25.05 18.96
CA GLY E 62 11.37 -25.70 17.90
C GLY E 62 10.64 -26.89 17.32
N CYS E 63 11.36 -28.01 17.31
CA CYS E 63 10.84 -29.26 16.79
C CYS E 63 9.73 -29.80 17.65
N SER E 64 9.66 -29.35 18.91
CA SER E 64 8.56 -29.69 19.84
C SER E 64 7.21 -29.04 19.51
N GLY E 65 7.23 -27.90 18.83
CA GLY E 65 5.99 -27.26 18.42
C GLY E 65 5.92 -25.76 18.67
N GLY E 66 4.84 -25.16 18.19
CA GLY E 66 4.69 -23.72 18.30
C GLY E 66 3.42 -23.21 17.70
N LEU E 67 3.29 -21.89 17.69
CA LEU E 67 2.11 -21.20 17.20
C LEU E 67 2.51 -20.11 16.20
N MET E 68 1.77 -19.98 15.11
CA MET E 68 2.08 -18.93 14.15
C MET E 68 2.02 -17.53 14.70
N ASN E 69 1.01 -17.23 15.51
CA ASN E 69 0.86 -15.92 16.15
CA ASN E 69 0.92 -15.88 16.05
C ASN E 69 2.03 -15.63 17.07
N ASN E 70 2.37 -16.60 17.88
CA ASN E 70 3.54 -16.42 18.77
C ASN E 70 4.71 -16.04 17.86
N ALA E 71 4.76 -16.61 16.66
CA ALA E 71 5.97 -16.44 15.81
C ALA E 71 6.01 -15.01 15.28
N PHE E 72 4.90 -14.57 14.71
CA PHE E 72 4.81 -13.20 14.27
C PHE E 72 5.24 -12.24 15.39
N GLU E 73 4.72 -12.46 16.58
CA GLU E 73 4.99 -11.56 17.66
C GLU E 73 6.47 -11.56 17.95
N TRP E 74 7.09 -12.73 17.90
CA TRP E 74 8.49 -12.90 18.18
C TRP E 74 9.32 -12.09 17.22
N ILE E 75 9.05 -12.31 15.95
CA ILE E 75 9.76 -11.65 14.90
C ILE E 75 9.78 -10.14 15.09
N VAL E 76 8.60 -9.56 15.30
CA VAL E 76 8.50 -8.14 15.56
C VAL E 76 9.06 -7.66 16.92
N GLN E 77 8.63 -8.30 18.02
CA GLN E 77 9.00 -7.83 19.36
C GLN E 77 10.43 -8.17 19.76
N GLU E 78 10.97 -9.26 19.21
CA GLU E 78 12.28 -9.75 19.58
C GLU E 78 13.31 -9.70 18.46
N ASN E 79 12.93 -9.70 17.20
CA ASN E 79 13.95 -9.80 16.12
C ASN E 79 13.79 -8.63 15.09
N ASN E 80 13.18 -7.53 15.56
CA ASN E 80 13.06 -6.29 14.82
C ASN E 80 12.33 -6.41 13.49
N GLY E 81 11.38 -7.30 13.39
CA GLY E 81 10.71 -7.45 12.12
C GLY E 81 11.49 -8.26 11.11
N ALA E 82 12.70 -8.68 11.46
CA ALA E 82 13.55 -9.41 10.52
C ALA E 82 13.19 -10.89 10.33
N VAL E 83 13.09 -11.27 9.06
CA VAL E 83 12.94 -12.63 8.65
C VAL E 83 14.03 -12.89 7.64
N TYR E 84 14.89 -13.85 7.89
CA TYR E 84 16.07 -14.06 7.06
C TYR E 84 15.74 -14.87 5.80
N THR E 85 16.53 -14.77 4.73
CA THR E 85 16.38 -15.68 3.60
C THR E 85 16.81 -17.08 3.97
N GLU E 86 16.23 -18.06 3.26
CA GLU E 86 16.58 -19.45 3.45
C GLU E 86 18.01 -19.71 3.01
N ASP E 87 18.53 -18.97 2.02
CA ASP E 87 19.93 -19.13 1.61
C ASP E 87 20.91 -18.77 2.72
N SER E 88 20.64 -17.72 3.48
CA SER E 88 21.62 -17.28 4.46
C SER E 88 21.47 -18.02 5.77
N TYR E 89 20.29 -18.67 5.95
CA TYR E 89 19.96 -19.50 7.16
C TYR E 89 19.10 -20.71 6.70
N PRO E 90 19.76 -21.74 6.20
CA PRO E 90 18.96 -22.82 5.61
C PRO E 90 18.41 -23.83 6.61
N TYR E 91 17.48 -24.65 6.14
CA TYR E 91 16.82 -25.63 7.01
C TYR E 91 17.75 -26.85 7.26
N ALA E 92 18.09 -27.10 8.52
CA ALA E 92 18.89 -28.27 8.87
C ALA E 92 18.21 -29.22 9.87
N SER E 93 16.96 -28.99 10.19
CA SER E 93 16.21 -29.76 11.18
C SER E 93 15.43 -30.92 10.59
N GLY E 94 15.74 -31.31 9.36
CA GLY E 94 15.01 -32.39 8.70
C GLY E 94 15.13 -33.73 9.42
N GLU E 95 16.24 -33.90 10.13
CA GLU E 95 16.44 -35.12 10.91
C GLU E 95 16.17 -34.90 12.41
N GLY E 96 15.53 -33.80 12.79
CA GLY E 96 15.20 -33.57 14.21
C GLY E 96 16.22 -32.85 15.08
N ILE E 97 17.45 -32.66 14.61
CA ILE E 97 18.42 -31.80 15.31
C ILE E 97 18.45 -30.38 14.70
N SER E 98 17.96 -29.40 15.44
CA SER E 98 18.03 -28.00 15.03
C SER E 98 19.27 -27.33 15.63
N PRO E 99 20.14 -26.72 14.79
CA PRO E 99 21.35 -26.06 15.31
C PRO E 99 21.06 -24.84 16.18
N PRO E 100 22.09 -24.30 16.86
CA PRO E 100 21.89 -23.15 17.75
C PRO E 100 21.62 -21.86 17.01
N CYS E 101 21.09 -20.86 17.72
CA CYS E 101 20.76 -19.56 17.12
C CYS E 101 22.03 -18.77 16.81
N THR E 102 22.12 -18.25 15.57
CA THR E 102 23.25 -17.42 15.16
C THR E 102 22.73 -16.07 14.69
N THR E 103 23.55 -15.03 14.87
CA THR E 103 23.14 -13.67 14.53
C THR E 103 24.24 -12.86 13.82
N SER E 104 25.21 -13.54 13.24
CA SER E 104 26.34 -12.90 12.62
C SER E 104 26.17 -12.88 11.08
N GLY E 105 25.51 -11.86 10.60
CA GLY E 105 25.47 -11.59 9.19
C GLY E 105 24.49 -12.34 8.35
N HIS E 106 23.40 -12.87 8.90
CA HIS E 106 22.42 -13.46 8.02
C HIS E 106 21.76 -12.31 7.23
N THR E 107 21.23 -12.64 6.07
CA THR E 107 20.64 -11.68 5.21
C THR E 107 19.15 -11.62 5.54
N VAL E 108 18.63 -10.38 5.64
CA VAL E 108 17.21 -10.15 5.86
C VAL E 108 16.49 -10.24 4.55
N GLY E 109 15.50 -11.11 4.45
CA GLY E 109 14.77 -11.21 3.19
C GLY E 109 13.43 -10.55 3.21
N ALA E 110 12.99 -10.15 4.39
CA ALA E 110 11.72 -9.51 4.56
C ALA E 110 11.67 -8.87 5.91
N THR E 111 11.05 -7.70 5.96
CA THR E 111 10.84 -7.00 7.20
C THR E 111 9.31 -6.87 7.41
N ILE E 112 8.78 -7.42 8.49
CA ILE E 112 7.38 -7.17 8.81
C ILE E 112 7.22 -6.22 10.02
N THR E 113 6.01 -5.72 10.26
CA THR E 113 5.75 -4.74 11.28
C THR E 113 4.68 -5.17 12.29
N GLY E 114 3.91 -6.21 11.98
CA GLY E 114 2.97 -6.77 12.94
C GLY E 114 2.16 -7.91 12.36
N HIS E 115 0.99 -8.17 12.96
CA HIS E 115 0.16 -9.22 12.41
C HIS E 115 -1.28 -8.98 12.75
N VAL E 116 -2.15 -9.67 12.03
CA VAL E 116 -3.56 -9.61 12.36
C VAL E 116 -4.14 -10.98 12.66
N GLU E 117 -5.19 -10.95 13.46
CA GLU E 117 -6.04 -12.07 13.73
C GLU E 117 -7.29 -11.93 12.88
N LEU E 118 -7.68 -12.99 12.18
CA LEU E 118 -8.97 -13.01 11.50
C LEU E 118 -10.00 -13.74 12.36
N PRO E 119 -11.28 -13.36 12.28
CA PRO E 119 -12.26 -14.09 13.08
C PRO E 119 -12.45 -15.53 12.62
N GLN E 120 -13.32 -16.24 13.35
CA GLN E 120 -13.52 -17.66 13.21
C GLN E 120 -14.72 -17.81 12.35
N ASP E 121 -14.49 -17.55 11.07
CA ASP E 121 -15.58 -17.45 10.13
C ASP E 121 -14.97 -17.60 8.76
N GLU E 122 -15.37 -18.65 8.08
CA GLU E 122 -14.75 -18.99 6.83
C GLU E 122 -14.93 -17.94 5.78
N ALA E 123 -16.09 -17.27 5.73
CA ALA E 123 -16.34 -16.31 4.66
C ALA E 123 -15.59 -15.00 4.92
N GLN E 124 -15.44 -14.62 6.18
CA GLN E 124 -14.65 -13.43 6.52
C GLN E 124 -13.19 -13.69 6.22
N ILE E 125 -12.72 -14.87 6.58
CA ILE E 125 -11.36 -15.28 6.20
C ILE E 125 -11.18 -15.23 4.69
N ALA E 126 -12.10 -15.81 3.95
CA ALA E 126 -12.07 -15.69 2.47
C ALA E 126 -11.99 -14.24 1.96
N ALA E 127 -12.82 -13.37 2.52
CA ALA E 127 -12.81 -11.97 2.09
C ALA E 127 -11.47 -11.26 2.34
N TRP E 128 -10.81 -11.56 3.46
CA TRP E 128 -9.51 -10.94 3.73
C TRP E 128 -8.45 -11.46 2.77
N LEU E 129 -8.40 -12.78 2.67
CA LEU E 129 -7.59 -13.48 1.71
C LEU E 129 -7.76 -12.96 0.29
N ALA E 130 -8.99 -12.78 -0.17
CA ALA E 130 -9.21 -12.31 -1.56
C ALA E 130 -8.52 -11.00 -1.85
N VAL E 131 -8.44 -10.15 -0.84
CA VAL E 131 -7.83 -8.87 -0.98
C VAL E 131 -6.35 -8.95 -0.64
N ASN E 132 -5.99 -9.59 0.47
CA ASN E 132 -4.66 -9.38 1.04
C ASN E 132 -3.67 -10.51 0.94
N GLY E 133 -4.11 -11.68 0.49
CA GLY E 133 -3.19 -12.78 0.20
C GLY E 133 -3.25 -13.94 1.16
N PRO E 134 -2.31 -14.89 1.02
CA PRO E 134 -2.45 -16.12 1.77
C PRO E 134 -2.40 -16.00 3.32
N VAL E 135 -3.11 -16.92 3.97
CA VAL E 135 -3.38 -16.81 5.40
C VAL E 135 -2.80 -18.01 6.09
N ALA E 136 -2.17 -17.79 7.24
CA ALA E 136 -1.70 -18.89 8.04
C ALA E 136 -2.86 -19.46 8.87
N VAL E 137 -3.06 -20.80 8.87
CA VAL E 137 -4.14 -21.43 9.63
C VAL E 137 -3.67 -22.71 10.31
N ALA E 138 -4.17 -22.92 11.52
CA ALA E 138 -4.14 -24.22 12.18
C ALA E 138 -5.16 -25.17 11.57
N VAL E 139 -4.83 -26.45 11.50
CA VAL E 139 -5.84 -27.49 11.27
C VAL E 139 -5.64 -28.65 12.18
N ASP E 140 -6.69 -29.45 12.24
CA ASP E 140 -6.63 -30.81 12.72
C ASP E 140 -6.25 -31.60 11.50
N ALA E 141 -5.02 -32.12 11.48
CA ALA E 141 -4.56 -32.96 10.38
C ALA E 141 -4.36 -34.43 10.73
N SER E 142 -4.99 -34.95 11.78
CA SER E 142 -4.83 -36.36 12.17
C SER E 142 -5.24 -37.35 11.09
N SER E 143 -6.09 -36.91 10.20
CA SER E 143 -6.61 -37.78 9.15
C SER E 143 -5.95 -37.46 7.82
N TRP E 144 -4.88 -36.69 7.84
CA TRP E 144 -4.26 -36.24 6.60
C TRP E 144 -3.24 -37.20 5.91
N MET E 145 -2.79 -38.25 6.61
CA MET E 145 -1.70 -39.10 6.13
C MET E 145 -2.06 -39.93 4.92
N THR E 146 -3.29 -40.40 4.91
CA THR E 146 -3.79 -41.21 3.80
C THR E 146 -3.96 -40.39 2.53
N TYR E 147 -4.36 -39.12 2.65
CA TYR E 147 -4.72 -38.23 1.51
C TYR E 147 -3.82 -38.30 0.28
N THR E 148 -4.44 -38.62 -0.86
CA THR E 148 -3.76 -38.62 -2.15
C THR E 148 -4.48 -37.78 -3.19
N GLY E 149 -5.35 -36.88 -2.77
CA GLY E 149 -5.99 -35.96 -3.69
C GLY E 149 -7.49 -35.96 -3.66
N GLY E 150 -8.08 -34.86 -4.13
CA GLY E 150 -9.52 -34.76 -4.21
C GLY E 150 -9.95 -33.80 -3.14
N VAL E 151 -11.26 -33.73 -2.93
CA VAL E 151 -11.80 -32.71 -2.07
C VAL E 151 -12.30 -33.37 -0.81
N MET E 152 -11.53 -33.15 0.25
CA MET E 152 -11.78 -33.79 1.52
C MET E 152 -13.05 -33.25 2.11
N THR E 153 -13.98 -34.15 2.43
CA THR E 153 -15.29 -33.79 3.01
C THR E 153 -15.56 -34.50 4.34
N SER E 154 -14.59 -35.26 4.82
CA SER E 154 -14.75 -36.03 6.03
C SER E 154 -13.54 -35.83 6.93
N CYS E 155 -12.97 -34.66 6.89
CA CYS E 155 -11.82 -34.37 7.75
C CYS E 155 -12.16 -34.63 9.24
N VAL E 156 -11.23 -35.22 9.98
CA VAL E 156 -11.36 -35.29 11.42
C VAL E 156 -11.05 -33.89 11.95
N SER E 157 -12.01 -33.34 12.70
CA SER E 157 -12.09 -31.91 13.01
C SER E 157 -12.37 -31.71 14.46
N GLU E 158 -11.41 -32.16 15.29
CA GLU E 158 -11.60 -32.23 16.72
C GLU E 158 -10.53 -31.51 17.53
N GLN E 159 -9.34 -31.38 16.99
CA GLN E 159 -8.24 -30.93 17.82
C GLN E 159 -7.12 -30.45 16.92
N LEU E 160 -6.85 -29.15 17.00
CA LEU E 160 -5.83 -28.54 16.23
C LEU E 160 -4.51 -29.16 16.55
N ASP E 161 -3.72 -29.50 15.53
CA ASP E 161 -2.37 -29.95 15.79
C ASP E 161 -1.35 -29.62 14.70
N HIS E 162 -1.75 -28.90 13.68
CA HIS E 162 -0.92 -28.68 12.53
C HIS E 162 -1.15 -27.26 12.02
N GLY E 163 -0.19 -26.75 11.27
CA GLY E 163 -0.22 -25.43 10.75
C GLY E 163 0.12 -25.40 9.28
N VAL E 164 -0.75 -24.79 8.48
CA VAL E 164 -0.60 -24.76 7.03
C VAL E 164 -0.84 -23.36 6.51
N LEU E 165 -0.93 -23.24 5.18
CA LEU E 165 -1.14 -21.99 4.49
C LEU E 165 -2.26 -22.02 3.45
N LEU E 166 -3.27 -21.16 3.67
CA LEU E 166 -4.43 -21.03 2.82
C LEU E 166 -4.02 -20.12 1.71
N VAL E 167 -4.05 -20.56 0.48
CA VAL E 167 -3.64 -19.73 -0.62
C VAL E 167 -4.76 -19.53 -1.64
N GLY E 168 -5.97 -19.96 -1.35
CA GLY E 168 -7.00 -19.94 -2.38
C GLY E 168 -8.32 -20.59 -2.06
N TYR E 169 -9.28 -20.47 -2.98
CA TYR E 169 -10.59 -21.09 -2.81
C TYR E 169 -11.35 -21.09 -4.10
N ASN E 170 -12.37 -21.91 -4.17
CA ASN E 170 -13.22 -21.97 -5.35
C ASN E 170 -14.62 -22.25 -4.87
N ASP E 171 -15.45 -21.21 -4.91
CA ASP E 171 -16.84 -21.34 -4.54
C ASP E 171 -17.69 -21.83 -5.70
N SER E 172 -17.13 -21.84 -6.92
CA SER E 172 -17.92 -22.27 -8.10
C SER E 172 -17.98 -23.77 -8.23
N ALA E 173 -16.91 -24.48 -7.83
CA ALA E 173 -16.87 -25.94 -7.98
C ALA E 173 -18.09 -26.66 -7.39
N ALA E 174 -18.38 -27.86 -7.89
CA ALA E 174 -19.41 -28.74 -7.32
C ALA E 174 -19.36 -28.70 -5.81
N VAL E 175 -18.18 -28.96 -5.26
CA VAL E 175 -17.97 -28.89 -3.84
C VAL E 175 -16.99 -27.79 -3.61
N PRO E 176 -17.44 -26.66 -3.05
CA PRO E 176 -16.50 -25.57 -2.82
C PRO E 176 -15.39 -26.02 -1.91
N TYR E 177 -14.19 -25.52 -2.16
CA TYR E 177 -13.05 -25.91 -1.39
C TYR E 177 -12.07 -24.78 -1.11
N TRP E 178 -11.35 -24.94 -0.01
CA TRP E 178 -10.12 -24.21 0.21
C TRP E 178 -8.99 -24.92 -0.53
N ILE E 179 -7.91 -24.18 -0.75
CA ILE E 179 -6.68 -24.67 -1.34
C ILE E 179 -5.57 -24.44 -0.32
N ILE E 180 -4.87 -25.52 0.06
CA ILE E 180 -3.95 -25.46 1.17
C ILE E 180 -2.60 -26.01 0.74
N LYS E 181 -1.56 -25.22 1.00
CA LYS E 181 -0.17 -25.61 0.92
C LYS E 181 0.32 -26.26 2.22
N ASN E 182 0.82 -27.49 2.08
CA ASN E 182 1.42 -28.23 3.17
C ASN E 182 2.92 -28.19 3.05
N SER E 183 3.58 -28.81 4.01
CA SER E 183 5.03 -28.80 4.05
C SER E 183 5.57 -30.21 4.17
N TRP E 184 4.94 -31.15 3.46
CA TRP E 184 5.34 -32.55 3.50
C TRP E 184 5.76 -33.00 2.13
N THR E 185 6.55 -32.18 1.44
CA THR E 185 7.03 -32.47 0.06
C THR E 185 5.90 -32.47 -0.98
N THR E 186 6.28 -32.54 -2.25
CA THR E 186 5.34 -32.59 -3.38
C THR E 186 4.85 -34.00 -3.66
N GLN E 187 5.46 -35.00 -3.04
CA GLN E 187 5.03 -36.39 -3.18
C GLN E 187 3.68 -36.64 -2.47
N TRP E 188 3.37 -35.82 -1.49
CA TRP E 188 2.11 -35.93 -0.75
C TRP E 188 1.01 -35.09 -1.39
N GLY E 189 -0.21 -35.60 -1.30
CA GLY E 189 -1.38 -34.86 -1.77
C GLY E 189 -1.39 -34.57 -3.26
N GLU E 190 -1.91 -33.39 -3.61
CA GLU E 190 -1.90 -32.87 -4.97
C GLU E 190 -0.67 -31.99 -5.09
N GLU E 191 0.40 -32.63 -5.48
CA GLU E 191 1.73 -32.00 -5.56
C GLU E 191 2.01 -31.13 -4.38
N GLY E 192 1.82 -31.69 -3.19
CA GLY E 192 2.07 -30.97 -1.96
C GLY E 192 0.88 -30.20 -1.41
N TYR E 193 -0.18 -30.07 -2.20
CA TYR E 193 -1.32 -29.25 -1.76
C TYR E 193 -2.47 -30.20 -1.48
N ILE E 194 -3.44 -29.71 -0.72
CA ILE E 194 -4.64 -30.42 -0.40
C ILE E 194 -5.79 -29.46 -0.54
N ARG E 195 -6.91 -29.93 -1.09
CA ARG E 195 -8.15 -29.21 -1.06
C ARG E 195 -9.12 -29.86 -0.05
N ILE E 196 -9.61 -29.06 0.87
CA ILE E 196 -10.66 -29.46 1.78
C ILE E 196 -11.94 -28.66 1.48
N ALA E 197 -13.09 -29.22 1.81
CA ALA E 197 -14.34 -28.54 1.51
C ALA E 197 -14.41 -27.25 2.33
N LYS E 198 -15.12 -26.27 1.76
CA LYS E 198 -15.29 -24.93 2.30
C LYS E 198 -16.72 -24.76 2.73
N GLY E 199 -16.94 -24.13 3.88
CA GLY E 199 -18.28 -23.89 4.39
C GLY E 199 -18.66 -24.77 5.57
N SER E 200 -17.91 -25.83 5.82
CA SER E 200 -18.26 -26.72 6.92
C SER E 200 -17.19 -26.81 8.01
N ASN E 201 -16.17 -25.95 7.96
CA ASN E 201 -15.18 -25.92 9.03
C ASN E 201 -14.45 -27.25 9.13
N GLN E 202 -14.24 -27.82 7.98
CA GLN E 202 -13.34 -28.92 7.82
C GLN E 202 -12.02 -28.67 8.54
N CYS E 203 -11.55 -29.66 9.29
CA CYS E 203 -10.21 -29.61 9.93
C CYS E 203 -10.01 -28.44 10.84
N LEU E 204 -11.12 -27.87 11.31
CA LEU E 204 -11.12 -26.72 12.16
C LEU E 204 -10.37 -25.52 11.57
N VAL E 205 -10.42 -25.41 10.25
CA VAL E 205 -9.60 -24.43 9.53
C VAL E 205 -9.88 -22.98 9.88
N LYS E 206 -11.08 -22.70 10.39
CA LYS E 206 -11.44 -21.32 10.63
C LYS E 206 -10.99 -20.83 12.00
N GLU E 207 -10.42 -21.72 12.81
CA GLU E 207 -10.48 -21.47 14.24
CA GLU E 207 -10.41 -21.53 14.28
C GLU E 207 -9.26 -20.65 14.73
N GLU E 208 -8.12 -20.73 14.05
CA GLU E 208 -6.97 -19.84 14.35
C GLU E 208 -6.28 -19.40 13.06
N ALA E 209 -6.92 -18.45 12.36
CA ALA E 209 -6.34 -17.79 11.17
C ALA E 209 -5.73 -16.44 11.54
N SER E 210 -4.61 -16.15 10.90
CA SER E 210 -3.92 -14.91 11.14
C SER E 210 -3.01 -14.60 10.01
N SER E 211 -2.47 -13.39 9.94
CA SER E 211 -1.53 -13.05 8.88
C SER E 211 -0.58 -11.99 9.31
N ALA E 212 0.63 -12.07 8.82
CA ALA E 212 1.62 -11.05 9.12
C ALA E 212 1.32 -9.79 8.27
N VAL E 213 1.86 -8.67 8.74
CA VAL E 213 1.63 -7.36 8.12
C VAL E 213 2.96 -6.81 7.70
N VAL E 214 3.10 -6.57 6.40
CA VAL E 214 4.26 -5.88 5.89
C VAL E 214 3.93 -4.41 5.96
N GLY E 215 4.80 -3.62 6.58
CA GLY E 215 4.41 -2.28 7.04
C GLY E 215 4.42 -1.28 5.94
N ALA F 1 11.97 -36.81 -14.87
CA ALA F 1 11.58 -35.40 -14.57
C ALA F 1 10.57 -35.35 -13.43
N PRO F 2 10.49 -34.22 -12.71
CA PRO F 2 9.52 -34.23 -11.62
C PRO F 2 8.10 -34.26 -12.19
N ALA F 3 7.16 -34.74 -11.37
CA ALA F 3 5.76 -34.91 -11.78
C ALA F 3 5.11 -33.58 -12.24
N ALA F 4 5.44 -32.48 -11.56
CA ALA F 4 4.89 -31.16 -11.91
C ALA F 4 5.94 -30.07 -11.72
N VAL F 5 5.85 -29.04 -12.56
CA VAL F 5 6.71 -27.84 -12.47
C VAL F 5 5.89 -26.55 -12.62
N ASP F 6 6.28 -25.54 -11.84
CA ASP F 6 5.67 -24.21 -11.91
C ASP F 6 6.70 -23.13 -11.61
N TRP F 7 7.20 -22.51 -12.68
CA TRP F 7 8.34 -21.61 -12.59
C TRP F 7 8.01 -20.30 -11.88
N ARG F 8 6.71 -20.02 -11.73
CA ARG F 8 6.19 -18.88 -10.94
C ARG F 8 6.53 -19.00 -9.46
N ALA F 9 6.54 -20.23 -8.94
CA ALA F 9 6.82 -20.53 -7.52
C ALA F 9 8.33 -20.54 -7.16
N ARG F 10 9.17 -20.36 -8.17
CA ARG F 10 10.60 -20.16 -7.97
CA ARG F 10 10.62 -20.15 -7.99
C ARG F 10 10.95 -18.66 -8.18
N GLY F 11 9.92 -17.83 -8.34
CA GLY F 11 10.07 -16.38 -8.53
C GLY F 11 10.63 -15.94 -9.87
N ALA F 12 10.32 -16.67 -10.95
CA ALA F 12 11.01 -16.51 -12.26
C ALA F 12 10.17 -15.93 -13.41
N VAL F 13 8.98 -15.42 -13.12
CA VAL F 13 8.04 -14.95 -14.15
C VAL F 13 7.51 -13.56 -13.77
N THR F 14 7.50 -12.63 -14.72
CA THR F 14 7.04 -11.27 -14.46
C THR F 14 5.51 -11.22 -14.46
N ALA F 15 4.96 -10.08 -14.06
CA ALA F 15 3.52 -9.87 -14.13
C ALA F 15 3.04 -10.05 -15.58
N VAL F 16 1.76 -10.38 -15.70
CA VAL F 16 1.11 -10.51 -17.00
C VAL F 16 0.94 -9.11 -17.56
N LYS F 17 1.39 -8.92 -18.79
CA LYS F 17 1.37 -7.62 -19.43
C LYS F 17 0.13 -7.55 -20.36
N ASP F 18 0.11 -6.54 -21.23
CA ASP F 18 -1.07 -6.21 -22.04
C ASP F 18 -0.57 -5.84 -23.43
N GLN F 19 -0.94 -6.64 -24.43
CA GLN F 19 -0.45 -6.43 -25.81
C GLN F 19 -1.30 -5.42 -26.61
N GLY F 20 -2.56 -5.23 -26.19
CA GLY F 20 -3.52 -4.33 -26.83
C GLY F 20 -4.10 -4.92 -28.11
N GLN F 21 -4.46 -4.03 -29.03
CA GLN F 21 -5.00 -4.41 -30.35
C GLN F 21 -3.91 -4.94 -31.28
N CYS F 22 -2.66 -4.62 -30.92
CA CYS F 22 -1.46 -5.04 -31.63
C CYS F 22 -1.27 -6.56 -31.66
N GLY F 23 -0.81 -7.09 -32.80
CA GLY F 23 -0.42 -8.49 -32.95
C GLY F 23 1.08 -8.70 -32.71
N SER F 24 1.52 -8.23 -31.54
CA SER F 24 2.89 -8.34 -31.07
C SER F 24 3.02 -9.58 -30.18
N CYS F 25 2.17 -10.58 -30.39
CA CYS F 25 2.11 -11.77 -29.53
C CYS F 25 3.45 -12.51 -29.54
N TRP F 26 4.10 -12.47 -30.72
CA TRP F 26 5.46 -12.96 -30.94
C TRP F 26 6.50 -12.27 -30.03
N ALA F 27 6.33 -10.96 -29.82
CA ALA F 27 7.30 -10.15 -29.08
C ALA F 27 7.22 -10.41 -27.57
N PHE F 28 5.99 -10.57 -27.06
CA PHE F 28 5.74 -10.85 -25.62
C PHE F 28 6.21 -12.26 -25.18
N SER F 29 5.98 -13.26 -26.03
CA SER F 29 6.50 -14.63 -25.90
C SER F 29 8.02 -14.62 -25.78
N ALA F 30 8.68 -13.97 -26.74
CA ALA F 30 10.13 -13.90 -26.78
C ALA F 30 10.69 -13.21 -25.52
N ILE F 31 10.14 -12.04 -25.20
CA ILE F 31 10.58 -11.26 -24.03
C ILE F 31 10.28 -11.94 -22.68
N GLY F 32 9.07 -12.45 -22.47
CA GLY F 32 8.75 -13.24 -21.27
C GLY F 32 9.77 -14.38 -21.04
N ASN F 33 9.95 -15.22 -22.06
CA ASN F 33 11.06 -16.19 -22.09
C ASN F 33 12.41 -15.67 -21.60
N VAL F 34 12.86 -14.55 -22.16
CA VAL F 34 14.17 -13.96 -21.82
C VAL F 34 14.23 -13.45 -20.37
N GLU F 35 13.15 -12.80 -19.93
CA GLU F 35 12.97 -12.35 -18.53
C GLU F 35 13.27 -13.47 -17.51
N CYS F 36 12.79 -14.68 -17.83
CA CYS F 36 12.98 -15.90 -17.02
C CYS F 36 14.40 -16.53 -17.09
N GLN F 37 14.94 -16.67 -18.30
CA GLN F 37 16.32 -17.19 -18.47
C GLN F 37 17.36 -16.28 -17.80
N TRP F 38 17.06 -14.98 -17.80
CA TRP F 38 17.88 -13.98 -17.13
C TRP F 38 17.83 -14.17 -15.62
N PHE F 39 16.64 -14.40 -15.08
CA PHE F 39 16.48 -14.56 -13.63
C PHE F 39 17.11 -15.85 -13.17
N LEU F 40 16.92 -16.88 -13.99
CA LEU F 40 17.37 -18.23 -13.67
C LEU F 40 18.87 -18.37 -13.76
N ALA F 41 19.53 -17.42 -14.43
CA ALA F 41 20.99 -17.36 -14.48
C ALA F 41 21.60 -16.58 -13.29
N GLY F 42 20.76 -16.17 -12.32
CA GLY F 42 21.21 -15.56 -11.05
C GLY F 42 21.24 -14.04 -11.02
N HIS F 43 20.45 -13.42 -11.88
CA HIS F 43 20.29 -11.97 -11.85
C HIS F 43 18.91 -11.70 -11.26
N PRO F 44 18.69 -10.49 -10.68
CA PRO F 44 17.34 -10.23 -10.19
C PRO F 44 16.32 -10.18 -11.34
N LEU F 45 15.07 -10.56 -11.06
CA LEU F 45 14.02 -10.48 -12.07
C LEU F 45 13.68 -9.03 -12.42
N THR F 46 13.89 -8.67 -13.68
CA THR F 46 13.60 -7.32 -14.15
C THR F 46 12.71 -7.40 -15.42
N ASN F 47 11.76 -6.46 -15.54
CA ASN F 47 10.93 -6.35 -16.75
C ASN F 47 11.74 -5.91 -17.97
N LEU F 48 11.42 -6.53 -19.11
CA LEU F 48 12.14 -6.25 -20.34
C LEU F 48 11.24 -5.70 -21.44
N SER F 49 11.84 -4.93 -22.35
CA SER F 49 11.10 -4.18 -23.37
C SER F 49 10.62 -5.02 -24.56
N GLU F 50 9.29 -5.15 -24.69
CA GLU F 50 8.69 -5.72 -25.90
C GLU F 50 8.69 -4.69 -27.05
N GLN F 51 8.66 -3.40 -26.71
CA GLN F 51 8.65 -2.33 -27.72
C GLN F 51 9.91 -2.27 -28.55
N MET F 52 11.04 -2.60 -27.92
CA MET F 52 12.35 -2.65 -28.58
C MET F 52 12.22 -3.54 -29.79
N LEU F 53 11.67 -4.75 -29.58
CA LEU F 53 11.42 -5.69 -30.68
C LEU F 53 10.42 -5.12 -31.70
N VAL F 54 9.26 -4.68 -31.23
CA VAL F 54 8.23 -4.11 -32.12
C VAL F 54 8.84 -2.99 -33.03
N SER F 55 9.36 -1.94 -32.40
CA SER F 55 9.89 -0.77 -33.11
C SER F 55 11.19 -0.98 -33.87
N CYS F 56 11.96 -2.02 -33.56
CA CYS F 56 13.36 -2.14 -34.04
C CYS F 56 13.71 -3.42 -34.84
N ASP F 57 13.12 -4.56 -34.49
CA ASP F 57 13.33 -5.86 -35.17
C ASP F 57 12.79 -5.83 -36.60
N LYS F 58 13.62 -5.34 -37.53
CA LYS F 58 13.23 -5.16 -38.95
C LYS F 58 12.96 -6.48 -39.66
N THR F 59 13.55 -7.57 -39.17
CA THR F 59 13.34 -8.90 -39.75
C THR F 59 11.88 -9.38 -39.52
N ASP F 60 11.33 -9.17 -38.32
CA ASP F 60 9.90 -9.44 -38.06
C ASP F 60 8.98 -8.33 -38.64
N SER F 61 7.68 -8.40 -38.40
CA SER F 61 6.74 -7.39 -38.92
C SER F 61 5.95 -6.60 -37.85
N GLY F 62 6.44 -6.57 -36.61
CA GLY F 62 5.84 -5.71 -35.57
C GLY F 62 4.42 -6.05 -35.14
N CYS F 63 3.55 -5.04 -35.17
CA CYS F 63 2.10 -5.21 -34.93
C CYS F 63 1.36 -6.05 -35.97
N SER F 64 1.99 -6.30 -37.11
CA SER F 64 1.37 -7.15 -38.13
C SER F 64 1.69 -8.65 -37.92
N GLY F 65 2.60 -8.97 -36.98
CA GLY F 65 2.97 -10.37 -36.67
C GLY F 65 4.48 -10.63 -36.66
N GLY F 66 4.87 -11.87 -36.37
CA GLY F 66 6.30 -12.23 -36.25
C GLY F 66 6.59 -13.62 -35.68
N LEU F 67 7.86 -13.90 -35.42
CA LEU F 67 8.29 -15.19 -34.87
C LEU F 67 9.21 -14.98 -33.68
N MET F 68 9.18 -15.92 -32.74
CA MET F 68 10.03 -15.83 -31.53
C MET F 68 11.49 -16.14 -31.89
N ASN F 69 11.68 -17.03 -32.87
CA ASN F 69 13.00 -17.43 -33.34
C ASN F 69 13.76 -16.32 -34.09
N ASN F 70 13.04 -15.45 -34.79
CA ASN F 70 13.67 -14.28 -35.42
C ASN F 70 14.02 -13.23 -34.38
N ALA F 71 13.12 -13.00 -33.41
CA ALA F 71 13.36 -12.01 -32.34
C ALA F 71 14.68 -12.29 -31.62
N PHE F 72 14.87 -13.57 -31.23
CA PHE F 72 16.09 -14.02 -30.54
C PHE F 72 17.30 -13.81 -31.46
N GLU F 73 17.10 -14.10 -32.75
CA GLU F 73 18.18 -14.00 -33.73
C GLU F 73 18.59 -12.53 -33.96
N TRP F 74 17.60 -11.65 -34.14
CA TRP F 74 17.83 -10.19 -34.23
C TRP F 74 18.58 -9.61 -33.01
N ILE F 75 18.02 -9.85 -31.82
CA ILE F 75 18.61 -9.40 -30.53
C ILE F 75 20.10 -9.68 -30.48
N VAL F 76 20.48 -10.87 -30.96
CA VAL F 76 21.88 -11.34 -30.98
C VAL F 76 22.66 -10.74 -32.14
N GLN F 77 22.12 -10.86 -33.36
CA GLN F 77 22.86 -10.43 -34.57
C GLN F 77 22.93 -8.90 -34.64
N GLU F 78 21.77 -8.25 -34.56
CA GLU F 78 21.69 -6.82 -34.86
C GLU F 78 21.83 -5.92 -33.62
N ASN F 79 21.53 -6.45 -32.43
CA ASN F 79 21.54 -5.66 -31.20
C ASN F 79 22.54 -6.15 -30.16
N ASN F 80 23.63 -6.74 -30.66
CA ASN F 80 24.71 -7.28 -29.83
C ASN F 80 24.30 -7.87 -28.46
N GLY F 81 23.24 -8.66 -28.49
CA GLY F 81 22.83 -9.47 -27.34
C GLY F 81 22.03 -8.73 -26.29
N ALA F 82 21.82 -7.43 -26.52
CA ALA F 82 21.16 -6.55 -25.53
C ALA F 82 19.63 -6.63 -25.63
N VAL F 83 18.99 -6.72 -24.45
CA VAL F 83 17.57 -6.56 -24.30
C VAL F 83 17.37 -5.45 -23.26
N TYR F 84 16.63 -4.40 -23.62
CA TYR F 84 16.51 -3.20 -22.77
C TYR F 84 15.50 -3.41 -21.65
N THR F 85 15.62 -2.61 -20.58
CA THR F 85 14.63 -2.63 -19.48
C THR F 85 13.29 -2.09 -19.99
N GLU F 86 12.19 -2.51 -19.37
CA GLU F 86 10.86 -2.00 -19.76
C GLU F 86 10.65 -0.54 -19.36
N ASP F 87 11.40 -0.08 -18.34
CA ASP F 87 11.32 1.32 -17.85
C ASP F 87 11.93 2.36 -18.83
N SER F 88 13.05 1.99 -19.47
CA SER F 88 13.73 2.86 -20.43
C SER F 88 13.08 2.81 -21.81
N TYR F 89 12.46 1.67 -22.13
CA TYR F 89 11.78 1.50 -23.41
C TYR F 89 10.40 0.86 -23.16
N PRO F 90 9.43 1.69 -22.73
CA PRO F 90 8.10 1.21 -22.39
C PRO F 90 7.21 0.95 -23.63
N TYR F 91 6.17 0.15 -23.44
CA TYR F 91 5.21 -0.22 -24.50
C TYR F 91 4.35 0.99 -24.95
N ALA F 92 4.57 1.41 -26.21
CA ALA F 92 3.85 2.53 -26.84
C ALA F 92 3.03 2.09 -28.07
N SER F 93 2.74 0.79 -28.17
CA SER F 93 2.24 0.16 -29.41
C SER F 93 0.82 -0.47 -29.28
N GLY F 94 0.06 -0.03 -28.26
CA GLY F 94 -1.29 -0.53 -27.97
C GLY F 94 -2.40 -0.18 -28.96
N GLU F 95 -2.27 0.95 -29.66
CA GLU F 95 -3.19 1.37 -30.74
C GLU F 95 -3.43 0.31 -31.84
N GLY F 96 -2.38 -0.49 -32.09
CA GLY F 96 -2.29 -1.40 -33.25
C GLY F 96 -1.32 -0.88 -34.30
N ILE F 97 -0.65 0.23 -33.99
CA ILE F 97 0.41 0.80 -34.82
C ILE F 97 1.51 1.34 -33.88
N SER F 98 2.77 0.98 -34.19
CA SER F 98 3.95 1.28 -33.35
C SER F 98 4.81 2.46 -33.84
N PRO F 99 5.52 3.15 -32.91
CA PRO F 99 6.46 4.24 -33.28
C PRO F 99 7.85 3.77 -33.83
N PRO F 100 8.56 4.65 -34.56
CA PRO F 100 9.87 4.26 -35.09
C PRO F 100 10.85 3.86 -33.98
N CYS F 101 11.89 3.13 -34.37
CA CYS F 101 12.97 2.73 -33.45
C CYS F 101 13.76 3.94 -32.89
N THR F 102 13.87 4.00 -31.56
CA THR F 102 14.81 4.89 -30.87
C THR F 102 16.00 4.07 -30.34
N THR F 103 17.22 4.35 -30.83
CA THR F 103 18.45 3.70 -30.30
C THR F 103 19.13 4.55 -29.18
N SER F 104 18.58 5.72 -28.87
CA SER F 104 19.11 6.65 -27.84
C SER F 104 18.24 6.73 -26.57
N GLY F 105 18.89 6.65 -25.41
CA GLY F 105 18.23 6.83 -24.10
C GLY F 105 17.58 5.56 -23.54
N HIS F 106 18.32 4.46 -23.52
CA HIS F 106 17.81 3.16 -23.05
C HIS F 106 18.86 2.40 -22.19
N THR F 107 18.41 1.82 -21.07
CA THR F 107 19.26 1.07 -20.15
C THR F 107 19.20 -0.41 -20.55
N VAL F 108 20.36 -1.05 -20.62
CA VAL F 108 20.43 -2.50 -20.91
C VAL F 108 20.12 -3.25 -19.62
N GLY F 109 19.10 -4.11 -19.66
CA GLY F 109 18.66 -4.92 -18.51
C GLY F 109 18.99 -6.42 -18.57
N ALA F 110 19.29 -6.94 -19.75
CA ALA F 110 19.69 -8.35 -19.89
C ALA F 110 20.48 -8.61 -21.18
N THR F 111 21.39 -9.59 -21.10
CA THR F 111 22.06 -10.09 -22.28
C THR F 111 21.80 -11.59 -22.46
N ILE F 112 21.67 -11.99 -23.73
CA ILE F 112 21.58 -13.39 -24.13
C ILE F 112 22.71 -13.71 -25.13
N THR F 113 22.96 -15.00 -25.36
CA THR F 113 24.02 -15.44 -26.27
C THR F 113 23.47 -16.19 -27.52
N GLY F 114 22.17 -16.50 -27.52
CA GLY F 114 21.56 -17.26 -28.61
C GLY F 114 20.22 -17.86 -28.25
N HIS F 115 19.83 -18.88 -29.04
CA HIS F 115 18.57 -19.60 -28.82
C HIS F 115 18.69 -21.07 -29.29
N VAL F 116 17.85 -21.93 -28.72
CA VAL F 116 17.76 -23.34 -29.11
C VAL F 116 16.33 -23.66 -29.56
N GLU F 117 16.25 -24.36 -30.69
CA GLU F 117 14.99 -24.92 -31.18
C GLU F 117 14.83 -26.33 -30.57
N LEU F 118 13.73 -26.54 -29.84
CA LEU F 118 13.47 -27.79 -29.15
C LEU F 118 12.69 -28.79 -30.01
N PRO F 119 12.76 -30.08 -29.64
CA PRO F 119 12.01 -31.06 -30.41
C PRO F 119 10.49 -30.88 -30.28
N GLN F 120 9.78 -31.45 -31.25
CA GLN F 120 8.33 -31.42 -31.29
C GLN F 120 7.80 -32.72 -30.63
N ASP F 121 8.15 -32.90 -29.35
CA ASP F 121 7.77 -34.05 -28.53
C ASP F 121 7.51 -33.49 -27.12
N GLU F 122 6.26 -33.59 -26.66
CA GLU F 122 5.83 -32.97 -25.39
C GLU F 122 6.51 -33.48 -24.10
N ALA F 123 6.77 -34.79 -24.04
CA ALA F 123 7.50 -35.39 -22.91
C ALA F 123 8.96 -34.87 -22.86
N GLN F 124 9.49 -34.53 -24.04
CA GLN F 124 10.85 -33.99 -24.20
C GLN F 124 10.94 -32.46 -23.98
N ILE F 125 9.91 -31.72 -24.42
CA ILE F 125 9.79 -30.28 -24.11
C ILE F 125 9.65 -30.00 -22.59
N ALA F 126 8.94 -30.89 -21.88
CA ALA F 126 8.74 -30.75 -20.42
C ALA F 126 10.03 -31.01 -19.64
N ALA F 127 10.76 -32.06 -20.04
CA ALA F 127 12.03 -32.42 -19.40
C ALA F 127 13.04 -31.28 -19.49
N TRP F 128 12.99 -30.57 -20.62
CA TRP F 128 13.83 -29.39 -20.85
C TRP F 128 13.37 -28.23 -19.98
N LEU F 129 12.06 -28.02 -19.91
CA LEU F 129 11.49 -26.96 -19.09
C LEU F 129 11.83 -27.16 -17.61
N ALA F 130 11.69 -28.38 -17.12
CA ALA F 130 11.97 -28.71 -15.71
C ALA F 130 13.42 -28.40 -15.28
N VAL F 131 14.37 -28.55 -16.20
CA VAL F 131 15.78 -28.26 -15.89
C VAL F 131 16.17 -26.78 -16.15
N ASN F 132 15.75 -26.24 -17.31
CA ASN F 132 16.32 -24.98 -17.86
C ASN F 132 15.50 -23.67 -17.71
N GLY F 133 14.18 -23.82 -17.59
CA GLY F 133 13.27 -22.72 -17.45
C GLY F 133 12.11 -22.73 -18.43
N PRO F 134 11.32 -21.64 -18.44
CA PRO F 134 10.19 -21.45 -19.36
C PRO F 134 10.54 -21.43 -20.85
N VAL F 135 9.52 -21.64 -21.68
CA VAL F 135 9.72 -21.90 -23.12
C VAL F 135 8.74 -21.11 -23.97
N ALA F 136 9.30 -20.23 -24.82
CA ALA F 136 8.53 -19.58 -25.89
C ALA F 136 7.98 -20.61 -26.89
N VAL F 137 6.66 -20.81 -26.92
CA VAL F 137 6.01 -21.74 -27.87
C VAL F 137 4.87 -21.08 -28.65
N ALA F 138 4.48 -21.74 -29.75
CA ALA F 138 3.46 -21.22 -30.63
C ALA F 138 2.25 -22.16 -30.67
N VAL F 139 1.08 -21.58 -30.96
CA VAL F 139 -0.22 -22.25 -30.78
C VAL F 139 -1.37 -21.71 -31.67
N ASP F 140 -2.30 -22.60 -32.07
CA ASP F 140 -3.58 -22.22 -32.68
C ASP F 140 -4.52 -21.77 -31.56
N ALA F 141 -4.48 -20.48 -31.24
CA ALA F 141 -5.34 -19.94 -30.20
C ALA F 141 -6.79 -19.72 -30.68
N SER F 142 -7.21 -20.34 -31.78
CA SER F 142 -8.52 -19.96 -32.35
C SER F 142 -9.67 -20.18 -31.35
N SER F 143 -9.68 -21.28 -30.60
CA SER F 143 -10.81 -21.51 -29.67
C SER F 143 -10.62 -20.90 -28.27
N TRP F 144 -9.72 -19.90 -28.15
CA TRP F 144 -9.32 -19.31 -26.85
C TRP F 144 -10.18 -18.14 -26.35
N MET F 145 -10.79 -17.42 -27.29
CA MET F 145 -11.60 -16.24 -26.96
C MET F 145 -12.54 -16.51 -25.77
N THR F 146 -13.43 -17.49 -25.94
CA THR F 146 -14.40 -17.86 -24.91
C THR F 146 -13.81 -18.93 -23.98
N TYR F 147 -12.68 -18.58 -23.37
CA TYR F 147 -12.07 -19.39 -22.33
C TYR F 147 -12.18 -18.63 -21.00
N THR F 148 -12.96 -19.19 -20.10
CA THR F 148 -13.16 -18.60 -18.78
C THR F 148 -12.11 -19.17 -17.82
N GLY F 149 -12.01 -20.49 -17.76
CA GLY F 149 -10.99 -21.17 -16.95
C GLY F 149 -11.05 -22.67 -17.13
N GLY F 150 -10.28 -23.40 -16.32
CA GLY F 150 -10.23 -24.87 -16.39
C GLY F 150 -9.13 -25.41 -17.30
N VAL F 151 -9.12 -26.72 -17.50
CA VAL F 151 -8.21 -27.38 -18.45
C VAL F 151 -8.93 -27.55 -19.80
N MET F 152 -8.44 -26.85 -20.82
CA MET F 152 -9.00 -26.91 -22.16
C MET F 152 -8.58 -28.19 -22.89
N THR F 153 -9.53 -29.10 -23.05
CA THR F 153 -9.30 -30.39 -23.67
C THR F 153 -9.83 -30.46 -25.11
N SER F 154 -10.72 -29.54 -25.52
CA SER F 154 -11.29 -29.52 -26.89
C SER F 154 -10.89 -28.24 -27.64
N CYS F 155 -9.63 -28.19 -28.03
CA CYS F 155 -8.99 -27.01 -28.63
C CYS F 155 -8.83 -27.17 -30.14
N VAL F 156 -9.22 -26.16 -30.92
CA VAL F 156 -9.02 -26.19 -32.37
C VAL F 156 -7.50 -26.26 -32.62
N SER F 157 -7.06 -27.29 -33.34
CA SER F 157 -5.64 -27.57 -33.53
C SER F 157 -5.27 -27.75 -35.02
N GLU F 158 -5.43 -26.66 -35.80
CA GLU F 158 -5.24 -26.70 -37.27
C GLU F 158 -4.13 -25.77 -37.79
N GLN F 159 -3.97 -24.60 -37.15
CA GLN F 159 -3.15 -23.52 -37.74
C GLN F 159 -2.50 -22.64 -36.68
N LEU F 160 -1.17 -22.54 -36.69
CA LEU F 160 -0.44 -21.65 -35.78
C LEU F 160 -0.71 -20.15 -36.04
N ASP F 161 -1.15 -19.44 -35.00
CA ASP F 161 -1.39 -17.98 -35.10
C ASP F 161 -0.98 -17.14 -33.87
N HIS F 162 -0.45 -17.78 -32.82
CA HIS F 162 -0.24 -17.12 -31.51
C HIS F 162 1.10 -17.55 -30.85
N GLY F 163 1.74 -16.61 -30.15
CA GLY F 163 2.94 -16.87 -29.36
C GLY F 163 2.66 -16.72 -27.87
N VAL F 164 3.09 -17.72 -27.10
CA VAL F 164 2.89 -17.76 -25.63
C VAL F 164 4.14 -18.32 -24.94
N LEU F 165 4.10 -18.42 -23.61
CA LEU F 165 5.20 -18.93 -22.78
C LEU F 165 4.76 -20.03 -21.81
N LEU F 166 5.43 -21.19 -21.88
CA LEU F 166 5.18 -22.30 -20.96
C LEU F 166 5.95 -22.12 -19.66
N VAL F 167 5.24 -21.99 -18.55
CA VAL F 167 5.89 -21.84 -17.26
C VAL F 167 5.97 -23.16 -16.50
N GLY F 168 5.23 -24.18 -16.93
CA GLY F 168 5.24 -25.47 -16.25
C GLY F 168 4.11 -26.40 -16.64
N TYR F 169 3.92 -27.44 -15.83
CA TYR F 169 3.03 -28.55 -16.18
C TYR F 169 2.70 -29.42 -14.96
N ASN F 170 1.86 -30.42 -15.17
CA ASN F 170 1.41 -31.26 -14.07
C ASN F 170 0.90 -32.62 -14.60
N ASP F 171 1.79 -33.62 -14.57
CA ASP F 171 1.45 -35.01 -14.99
C ASP F 171 0.63 -35.82 -13.94
N SER F 172 0.47 -35.27 -12.73
CA SER F 172 -0.24 -35.96 -11.63
C SER F 172 -1.75 -35.71 -11.60
N ALA F 173 -2.21 -34.57 -12.12
CA ALA F 173 -3.63 -34.17 -12.06
C ALA F 173 -4.50 -35.10 -12.90
N ALA F 174 -5.81 -35.07 -12.63
CA ALA F 174 -6.82 -35.85 -13.36
C ALA F 174 -6.58 -35.73 -14.87
N VAL F 175 -6.67 -34.53 -15.44
CA VAL F 175 -6.22 -34.28 -16.82
C VAL F 175 -4.86 -33.58 -16.75
N PRO F 176 -3.76 -34.30 -17.06
CA PRO F 176 -2.44 -33.67 -17.10
C PRO F 176 -2.46 -32.42 -17.97
N TYR F 177 -1.96 -31.31 -17.44
CA TYR F 177 -2.05 -30.03 -18.13
C TYR F 177 -0.71 -29.31 -18.26
N TRP F 178 -0.65 -28.31 -19.13
CA TRP F 178 0.44 -27.33 -19.19
C TRP F 178 -0.03 -26.01 -18.57
N ILE F 179 0.81 -25.39 -17.74
CA ILE F 179 0.61 -24.00 -17.32
C ILE F 179 1.29 -23.08 -18.36
N ILE F 180 0.53 -22.14 -18.89
CA ILE F 180 1.00 -21.25 -19.95
C ILE F 180 0.67 -19.81 -19.62
N LYS F 181 1.63 -18.91 -19.78
CA LYS F 181 1.39 -17.46 -19.65
C LYS F 181 0.90 -16.82 -20.97
N ASN F 182 -0.17 -16.03 -20.86
CA ASN F 182 -0.68 -15.24 -22.00
C ASN F 182 -0.52 -13.76 -21.72
N SER F 183 -0.52 -12.97 -22.79
CA SER F 183 -0.33 -11.54 -22.70
C SER F 183 -1.62 -10.80 -23.02
N TRP F 184 -2.76 -11.30 -22.52
CA TRP F 184 -4.06 -10.60 -22.74
C TRP F 184 -4.61 -10.06 -21.42
N THR F 185 -3.70 -9.53 -20.59
CA THR F 185 -4.02 -8.96 -19.25
C THR F 185 -4.36 -10.05 -18.23
N THR F 186 -4.45 -9.63 -16.97
CA THR F 186 -4.82 -10.54 -15.88
C THR F 186 -6.34 -10.77 -15.80
N GLN F 187 -7.10 -10.05 -16.63
CA GLN F 187 -8.57 -10.22 -16.76
C GLN F 187 -9.01 -11.40 -17.66
N TRP F 188 -8.06 -12.03 -18.36
CA TRP F 188 -8.34 -13.19 -19.20
C TRP F 188 -7.92 -14.49 -18.51
N GLY F 189 -8.79 -15.50 -18.60
CA GLY F 189 -8.49 -16.80 -18.01
C GLY F 189 -8.14 -16.72 -16.53
N GLU F 190 -7.21 -17.59 -16.11
CA GLU F 190 -6.82 -17.73 -14.72
C GLU F 190 -5.70 -16.72 -14.32
N GLU F 191 -6.11 -15.47 -14.06
CA GLU F 191 -5.19 -14.35 -13.72
C GLU F 191 -4.09 -14.16 -14.82
N GLY F 192 -4.57 -14.23 -16.06
CA GLY F 192 -3.77 -14.03 -17.26
C GLY F 192 -3.24 -15.27 -17.94
N TYR F 193 -3.32 -16.42 -17.25
CA TYR F 193 -2.76 -17.72 -17.70
C TYR F 193 -3.84 -18.71 -18.19
N ILE F 194 -3.45 -19.62 -19.07
CA ILE F 194 -4.27 -20.78 -19.44
C ILE F 194 -3.61 -22.11 -19.04
N ARG F 195 -4.44 -23.08 -18.68
CA ARG F 195 -4.03 -24.48 -18.65
C ARG F 195 -4.69 -25.22 -19.83
N ILE F 196 -3.86 -25.92 -20.63
CA ILE F 196 -4.33 -26.82 -21.70
C ILE F 196 -3.86 -28.23 -21.38
N ALA F 197 -4.48 -29.23 -22.01
CA ALA F 197 -4.12 -30.62 -21.74
C ALA F 197 -2.75 -30.92 -22.34
N LYS F 198 -2.00 -31.76 -21.62
CA LYS F 198 -0.62 -32.12 -21.95
C LYS F 198 -0.57 -33.54 -22.53
N GLY F 199 0.24 -33.74 -23.55
CA GLY F 199 0.48 -35.06 -24.11
C GLY F 199 -0.50 -35.54 -25.17
N SER F 200 -1.31 -34.64 -25.72
CA SER F 200 -2.09 -34.95 -26.94
C SER F 200 -1.89 -33.90 -28.06
N ASN F 201 -0.88 -33.03 -27.87
CA ASN F 201 -0.57 -31.88 -28.76
C ASN F 201 -1.73 -30.89 -28.92
N GLN F 202 -2.30 -30.47 -27.78
CA GLN F 202 -3.39 -29.50 -27.79
C GLN F 202 -2.90 -28.18 -28.37
N CYS F 203 -3.64 -27.65 -29.34
CA CYS F 203 -3.38 -26.32 -29.90
C CYS F 203 -2.00 -26.22 -30.56
N LEU F 204 -1.55 -27.30 -31.21
CA LEU F 204 -0.23 -27.39 -31.87
C LEU F 204 0.95 -26.91 -30.99
N VAL F 205 0.82 -27.15 -29.68
CA VAL F 205 1.79 -26.64 -28.70
C VAL F 205 3.21 -27.21 -28.93
N LYS F 206 3.28 -28.45 -29.43
CA LYS F 206 4.57 -29.13 -29.70
C LYS F 206 5.39 -28.47 -30.80
N GLU F 207 4.72 -27.80 -31.75
CA GLU F 207 5.22 -27.68 -33.13
C GLU F 207 6.41 -26.72 -33.32
N GLU F 208 6.44 -25.60 -32.58
CA GLU F 208 7.56 -24.64 -32.64
C GLU F 208 7.92 -24.08 -31.26
N ALA F 209 8.65 -24.89 -30.48
CA ALA F 209 9.05 -24.53 -29.12
C ALA F 209 10.54 -24.22 -29.11
N SER F 210 10.91 -23.23 -28.31
CA SER F 210 12.24 -22.63 -28.37
C SER F 210 12.51 -21.77 -27.11
N SER F 211 13.76 -21.33 -26.96
CA SER F 211 14.18 -20.49 -25.82
C SER F 211 15.52 -19.78 -26.06
N ALA F 212 15.68 -18.61 -25.43
CA ALA F 212 16.95 -17.90 -25.38
C ALA F 212 18.00 -18.68 -24.56
N VAL F 213 19.27 -18.31 -24.71
CA VAL F 213 20.33 -18.84 -23.88
C VAL F 213 21.04 -17.67 -23.19
N VAL F 214 21.03 -17.67 -21.86
CA VAL F 214 21.92 -16.82 -21.08
C VAL F 214 23.18 -17.61 -20.68
N GLY F 215 24.34 -16.94 -20.72
CA GLY F 215 25.60 -17.53 -20.24
C GLY F 215 26.50 -18.09 -21.33
#